data_9FDL
#
_entry.id   9FDL
#
_cell.length_a   55.891
_cell.length_b   112.293
_cell.length_c   262.381
_cell.angle_alpha   90.000
_cell.angle_beta   90.000
_cell.angle_gamma   90.000
#
_symmetry.space_group_name_H-M   'C 2 2 21'
#
loop_
_entity.id
_entity.type
_entity.pdbx_description
1 polymer 'Glycoside hydrolase family 61 protein'
2 non-polymer DI(HYDROXYETHYL)ETHER
3 non-polymer 'TETRAETHYLENE GLYCOL'
4 non-polymer 1,2-ETHANEDIOL
5 non-polymer 'FORMIC ACID'
6 non-polymer 'COPPER (II) ION'
7 water water
#
_entity_poly.entity_id   1
_entity_poly.type   'polypeptide(L)'
_entity_poly.pdbx_seq_one_letter_code
;HAIFQRVSVNGQDQGQLKGVRAPSSNSPIQNVNDANMACNANIVYHDNTIIKVPAGARVGAWWQHVIGGPQGANDPDNPI
AASHKGPIQVYLAKVDNAATASPSGLKWFKVAERGLNNGVWAVDELIANNGWHYFDLPSCVAPGQYLMRVELLALHSASS
PGGAQFYMGCAQIEVTGSGTNSGSDFVSFPGAYSANDPGILLSIYDSSGKPNNGGRSYPIPGPRPISCSG
;
_entity_poly.pdbx_strand_id   A,B,C
#
loop_
_chem_comp.id
_chem_comp.type
_chem_comp.name
_chem_comp.formula
CU non-polymer 'COPPER (II) ION' 'Cu 2'
EDO non-polymer 1,2-ETHANEDIOL 'C2 H6 O2'
FMT non-polymer 'FORMIC ACID' 'C H2 O2'
PEG non-polymer DI(HYDROXYETHYL)ETHER 'C4 H10 O3'
PG4 non-polymer 'TETRAETHYLENE GLYCOL' 'C8 H18 O5'
#
# COMPACT_ATOMS: atom_id res chain seq x y z
N HIS A 1 15.15 -11.73 -10.06
CA HIS A 1 15.37 -12.99 -10.86
C HIS A 1 15.99 -14.15 -10.04
N ALA A 2 15.32 -15.31 -10.11
CA ALA A 2 15.70 -16.49 -9.37
C ALA A 2 15.02 -17.70 -9.97
N ILE A 3 15.59 -18.89 -9.71
CA ILE A 3 15.13 -20.14 -10.30
C ILE A 3 15.04 -21.20 -9.21
N PHE A 4 13.87 -21.82 -9.14
CA PHE A 4 13.60 -22.99 -8.32
C PHE A 4 14.28 -24.22 -8.93
N GLN A 5 15.08 -24.93 -8.12
CA GLN A 5 16.01 -25.93 -8.65
C GLN A 5 16.19 -27.15 -7.76
N ARG A 6 15.54 -27.23 -6.60
CA ARG A 6 15.80 -28.34 -5.68
C ARG A 6 14.71 -28.43 -4.63
N VAL A 7 14.43 -29.66 -4.21
CA VAL A 7 13.45 -29.98 -3.19
C VAL A 7 14.09 -30.75 -2.03
N SER A 8 13.58 -30.44 -0.81
CA SER A 8 13.89 -31.25 0.36
C SER A 8 12.56 -31.73 0.95
N VAL A 9 12.61 -32.93 1.57
CA VAL A 9 11.43 -33.52 2.14
C VAL A 9 11.81 -33.95 3.53
N ASN A 10 11.20 -33.30 4.53
CA ASN A 10 11.51 -33.56 5.94
C ASN A 10 13.01 -33.47 6.16
N GLY A 11 13.64 -32.47 5.57
CA GLY A 11 15.07 -32.29 5.79
C GLY A 11 15.94 -33.19 4.92
N GLN A 12 15.39 -34.11 4.13
CA GLN A 12 16.19 -34.87 3.19
C GLN A 12 16.22 -34.21 1.82
N ASP A 13 17.43 -33.78 1.45
CA ASP A 13 17.69 -33.17 0.17
C ASP A 13 17.54 -34.24 -0.90
N GLN A 14 16.75 -33.93 -1.95
CA GLN A 14 16.43 -34.91 -2.98
C GLN A 14 17.48 -34.92 -4.07
N GLY A 15 18.36 -33.91 -4.08
CA GLY A 15 19.42 -33.72 -5.05
C GLY A 15 19.15 -32.51 -5.96
N GLN A 16 20.22 -31.82 -6.37
CA GLN A 16 20.18 -30.72 -7.32
C GLN A 16 19.39 -31.15 -8.56
N LEU A 17 18.30 -30.43 -8.81
CA LEU A 17 17.47 -30.54 -10.02
C LEU A 17 16.77 -31.88 -10.16
N LYS A 18 16.76 -32.68 -9.09
CA LYS A 18 16.01 -33.93 -9.11
C LYS A 18 14.55 -33.58 -8.95
N GLY A 19 13.79 -33.91 -9.99
CA GLY A 19 12.35 -33.77 -9.92
C GLY A 19 11.91 -32.31 -10.04
N VAL A 20 12.81 -31.39 -10.41
CA VAL A 20 12.42 -30.02 -10.63
C VAL A 20 12.62 -29.61 -12.08
N ARG A 21 11.53 -29.19 -12.74
CA ARG A 21 11.60 -28.70 -14.11
C ARG A 21 12.01 -27.24 -14.11
N ALA A 22 13.15 -26.91 -14.70
CA ALA A 22 13.68 -25.57 -14.59
C ALA A 22 14.23 -25.04 -15.91
N PRO A 23 14.10 -23.71 -16.15
CA PRO A 23 14.80 -23.05 -17.24
C PRO A 23 16.24 -22.83 -16.80
N SER A 24 17.13 -22.47 -17.75
CA SER A 24 18.46 -21.95 -17.37
C SER A 24 18.50 -20.42 -17.37
N SER A 25 17.43 -19.79 -17.87
CA SER A 25 17.39 -18.40 -18.25
C SER A 25 16.00 -17.98 -17.85
N ASN A 26 15.97 -17.22 -16.76
CA ASN A 26 14.69 -16.81 -16.25
C ASN A 26 14.57 -15.29 -16.23
N SER A 27 13.77 -14.80 -17.19
CA SER A 27 13.04 -13.54 -16.96
C SER A 27 11.69 -13.81 -16.26
N PRO A 28 11.18 -12.83 -15.49
CA PRO A 28 9.85 -12.98 -14.91
C PRO A 28 8.72 -12.95 -15.93
N ILE A 29 7.61 -13.59 -15.60
CA ILE A 29 6.35 -13.36 -16.27
C ILE A 29 5.74 -12.09 -15.69
N GLN A 30 5.28 -11.16 -16.53
CA GLN A 30 4.63 -9.98 -16.00
C GLN A 30 3.21 -9.81 -16.52
N ASN A 31 2.78 -10.77 -17.32
CA ASN A 31 1.43 -10.76 -17.85
C ASN A 31 0.75 -11.96 -17.22
N VAL A 32 -0.28 -11.71 -16.39
CA VAL A 32 -0.92 -12.76 -15.63
C VAL A 32 -1.60 -13.77 -16.56
N ASN A 33 -1.89 -13.37 -17.80
CA ASN A 33 -2.50 -14.27 -18.77
C ASN A 33 -1.49 -15.00 -19.64
N ASP A 34 -0.19 -14.88 -19.41
CA ASP A 34 0.78 -15.63 -20.18
C ASP A 34 0.52 -17.14 -20.03
N ALA A 35 0.60 -17.84 -21.17
CA ALA A 35 0.38 -19.27 -21.24
C ALA A 35 1.34 -20.05 -20.35
N ASN A 36 2.51 -19.47 -20.02
CA ASN A 36 3.57 -20.17 -19.30
C ASN A 36 3.54 -19.86 -17.82
N MET A 37 2.44 -19.26 -17.38
CA MET A 37 2.33 -18.90 -15.98
C MET A 37 2.34 -20.16 -15.09
N ALA A 38 1.96 -21.33 -15.60
CA ALA A 38 1.90 -22.54 -14.77
C ALA A 38 3.28 -22.95 -14.25
N CYS A 39 4.21 -23.24 -15.15
CA CYS A 39 5.48 -23.83 -14.77
C CYS A 39 6.62 -23.13 -15.45
N ASN A 40 6.35 -21.90 -15.92
CA ASN A 40 7.37 -21.09 -16.57
C ASN A 40 7.66 -21.59 -17.98
N ALA A 41 8.57 -20.87 -18.67
CA ALA A 41 8.88 -21.08 -20.07
C ALA A 41 10.32 -21.58 -20.22
N ASN A 42 10.60 -22.12 -21.40
CA ASN A 42 11.94 -22.54 -21.81
C ASN A 42 12.62 -23.45 -20.78
N ILE A 43 11.90 -24.47 -20.37
CA ILE A 43 12.46 -25.51 -19.54
C ILE A 43 13.65 -26.18 -20.26
N VAL A 44 14.73 -26.31 -19.51
CA VAL A 44 15.93 -26.98 -19.98
C VAL A 44 16.16 -28.27 -19.19
N TYR A 45 15.92 -28.23 -17.88
CA TYR A 45 16.23 -29.32 -16.97
C TYR A 45 14.94 -30.05 -16.62
N HIS A 46 14.84 -31.30 -17.04
CA HIS A 46 13.64 -32.08 -16.82
C HIS A 46 14.03 -33.56 -16.81
N ASP A 47 14.12 -34.13 -15.60
CA ASP A 47 14.44 -35.52 -15.46
C ASP A 47 13.15 -36.28 -15.16
N ASN A 48 13.27 -37.60 -14.95
N ASN A 48 13.24 -37.60 -14.96
CA ASN A 48 12.10 -38.44 -14.68
CA ASN A 48 12.05 -38.40 -14.66
C ASN A 48 12.03 -38.78 -13.19
C ASN A 48 12.02 -38.78 -13.18
N THR A 49 12.74 -38.05 -12.34
CA THR A 49 12.59 -38.23 -10.91
C THR A 49 11.19 -37.78 -10.47
N ILE A 50 10.53 -38.62 -9.69
CA ILE A 50 9.29 -38.27 -9.01
C ILE A 50 9.55 -38.35 -7.52
N ILE A 51 9.43 -37.21 -6.86
CA ILE A 51 9.77 -37.12 -5.45
C ILE A 51 8.60 -37.59 -4.62
N LYS A 52 8.85 -38.57 -3.75
CA LYS A 52 7.87 -38.97 -2.75
C LYS A 52 7.78 -37.93 -1.64
N VAL A 53 6.59 -37.40 -1.42
CA VAL A 53 6.37 -36.48 -0.33
C VAL A 53 5.21 -37.00 0.51
N PRO A 54 5.46 -37.44 1.75
CA PRO A 54 4.36 -37.77 2.65
C PRO A 54 3.49 -36.56 2.89
N ALA A 55 2.17 -36.76 2.88
CA ALA A 55 1.28 -35.68 3.29
C ALA A 55 1.62 -35.37 4.74
N GLY A 56 1.69 -34.08 5.10
CA GLY A 56 2.16 -33.71 6.43
C GLY A 56 3.64 -33.32 6.47
N ALA A 57 4.42 -33.66 5.43
CA ALA A 57 5.85 -33.45 5.44
C ALA A 57 6.14 -31.96 5.39
N ARG A 58 7.34 -31.63 5.91
CA ARG A 58 7.93 -30.32 5.71
C ARG A 58 8.73 -30.35 4.41
N VAL A 59 8.34 -29.50 3.50
CA VAL A 59 8.91 -29.43 2.18
C VAL A 59 9.72 -28.16 2.06
N GLY A 60 10.94 -28.33 1.51
CA GLY A 60 11.76 -27.19 1.13
C GLY A 60 11.84 -27.08 -0.39
N ALA A 61 11.75 -25.85 -0.85
CA ALA A 61 12.02 -25.52 -2.25
C ALA A 61 13.17 -24.52 -2.31
N TRP A 62 14.28 -24.90 -2.96
CA TRP A 62 15.46 -24.08 -3.06
C TRP A 62 15.46 -23.25 -4.35
N TRP A 63 15.72 -21.97 -4.17
CA TRP A 63 15.85 -20.96 -5.20
C TRP A 63 17.24 -20.34 -5.13
N GLN A 64 17.83 -20.11 -6.31
CA GLN A 64 19.07 -19.36 -6.43
C GLN A 64 18.97 -18.47 -7.67
N HIS A 65 19.74 -17.40 -7.66
CA HIS A 65 19.78 -16.45 -8.74
C HIS A 65 19.94 -17.17 -10.08
N VAL A 66 20.93 -18.06 -10.18
CA VAL A 66 21.18 -18.82 -11.38
C VAL A 66 21.16 -20.32 -11.07
N ILE A 67 21.22 -21.14 -12.11
CA ILE A 67 21.32 -22.57 -11.90
C ILE A 67 22.67 -22.90 -11.27
N GLY A 68 22.63 -23.64 -10.15
CA GLY A 68 23.81 -24.09 -9.43
C GLY A 68 24.22 -23.12 -8.32
N GLY A 69 23.55 -21.97 -8.22
CA GLY A 69 23.97 -20.93 -7.29
C GLY A 69 25.27 -20.24 -7.71
N PRO A 70 25.79 -19.32 -6.87
CA PRO A 70 27.01 -18.60 -7.18
C PRO A 70 28.31 -19.40 -7.20
N GLN A 71 28.29 -20.66 -6.73
CA GLN A 71 29.51 -21.48 -6.59
C GLN A 71 30.69 -20.68 -6.02
N GLY A 72 30.42 -19.93 -4.96
CA GLY A 72 31.45 -19.28 -4.19
C GLY A 72 31.66 -17.80 -4.51
N ALA A 73 30.97 -17.27 -5.54
CA ALA A 73 31.00 -15.84 -5.86
C ALA A 73 30.16 -15.06 -4.86
N ASN A 74 30.50 -13.79 -4.61
CA ASN A 74 29.65 -12.92 -3.81
C ASN A 74 28.60 -12.33 -4.73
N ASP A 75 27.43 -12.94 -4.79
CA ASP A 75 26.34 -12.39 -5.57
C ASP A 75 25.39 -11.70 -4.61
N PRO A 76 25.28 -10.36 -4.62
CA PRO A 76 24.31 -9.68 -3.77
C PRO A 76 22.87 -10.03 -4.11
N ASP A 77 22.63 -10.61 -5.30
CA ASP A 77 21.28 -10.91 -5.75
C ASP A 77 20.98 -12.40 -5.62
N ASN A 78 21.75 -13.10 -4.79
CA ASN A 78 21.52 -14.50 -4.53
C ASN A 78 21.06 -14.62 -3.09
N PRO A 79 19.99 -15.37 -2.75
CA PRO A 79 19.23 -16.17 -3.70
C PRO A 79 18.35 -15.41 -4.65
N ILE A 80 17.95 -14.20 -4.22
CA ILE A 80 17.22 -13.29 -5.10
C ILE A 80 17.52 -11.85 -4.64
N ALA A 81 17.37 -10.87 -5.52
CA ALA A 81 17.60 -9.49 -5.12
C ALA A 81 16.72 -9.14 -3.93
N ALA A 82 17.28 -8.46 -2.94
CA ALA A 82 16.54 -8.16 -1.72
C ALA A 82 15.35 -7.23 -1.99
N SER A 83 15.38 -6.49 -3.09
CA SER A 83 14.30 -5.58 -3.42
C SER A 83 13.03 -6.35 -3.73
N HIS A 84 13.16 -7.62 -4.12
CA HIS A 84 12.08 -8.39 -4.73
C HIS A 84 11.13 -8.97 -3.69
N LYS A 85 10.61 -8.08 -2.83
CA LYS A 85 9.74 -8.50 -1.75
C LYS A 85 8.43 -9.02 -2.29
N GLY A 86 7.88 -10.05 -1.63
CA GLY A 86 6.59 -10.55 -2.01
C GLY A 86 6.28 -11.87 -1.34
N PRO A 87 5.10 -12.43 -1.67
CA PRO A 87 4.72 -13.73 -1.14
C PRO A 87 5.31 -14.88 -1.95
N ILE A 88 5.30 -16.05 -1.31
CA ILE A 88 5.57 -17.31 -1.96
C ILE A 88 4.41 -18.25 -1.65
N GLN A 89 3.97 -18.92 -2.71
CA GLN A 89 2.82 -19.82 -2.63
C GLN A 89 3.12 -21.14 -3.34
N VAL A 90 2.36 -22.17 -2.96
CA VAL A 90 2.50 -23.47 -3.58
C VAL A 90 1.14 -24.00 -3.96
N TYR A 91 1.06 -24.49 -5.22
CA TYR A 91 -0.10 -25.14 -5.74
C TYR A 91 0.28 -26.55 -6.18
N LEU A 92 -0.75 -27.41 -6.17
CA LEU A 92 -0.69 -28.73 -6.75
C LEU A 92 -1.68 -28.85 -7.91
N ALA A 93 -1.30 -29.69 -8.87
CA ALA A 93 -2.25 -30.16 -9.86
C ALA A 93 -2.08 -31.66 -10.01
N LYS A 94 -3.19 -32.38 -9.92
CA LYS A 94 -3.16 -33.82 -10.06
C LYS A 94 -2.86 -34.20 -11.51
N VAL A 95 -1.96 -35.17 -11.73
CA VAL A 95 -1.72 -35.66 -13.10
C VAL A 95 -1.62 -37.18 -13.09
N ASP A 96 -1.60 -37.81 -14.25
CA ASP A 96 -1.49 -39.26 -14.36
C ASP A 96 -0.05 -39.67 -14.07
N ASN A 97 0.90 -38.87 -14.55
CA ASN A 97 2.32 -39.20 -14.42
C ASN A 97 3.13 -37.92 -14.30
N ALA A 98 3.80 -37.67 -13.19
CA ALA A 98 4.35 -36.35 -12.92
C ALA A 98 5.62 -36.10 -13.72
N ALA A 99 6.25 -37.19 -14.19
CA ALA A 99 7.43 -37.06 -15.03
C ALA A 99 7.08 -36.56 -16.42
N THR A 100 5.92 -36.97 -16.94
CA THR A 100 5.59 -36.73 -18.34
C THR A 100 4.47 -35.71 -18.51
N ALA A 101 3.73 -35.37 -17.47
CA ALA A 101 2.55 -34.53 -17.65
C ALA A 101 2.94 -33.14 -18.16
N SER A 102 2.20 -32.66 -19.12
CA SER A 102 2.28 -31.26 -19.52
C SER A 102 1.61 -30.38 -18.47
N PRO A 103 2.13 -29.17 -18.19
CA PRO A 103 1.46 -28.20 -17.32
C PRO A 103 0.26 -27.41 -17.81
N SER A 104 -0.11 -27.60 -19.08
CA SER A 104 -1.13 -26.74 -19.68
C SER A 104 -2.51 -27.28 -19.36
N GLY A 105 -3.40 -26.35 -18.94
CA GLY A 105 -4.82 -26.67 -18.81
C GLY A 105 -5.11 -27.56 -17.61
N LEU A 106 -4.29 -27.55 -16.57
CA LEU A 106 -4.55 -28.31 -15.36
C LEU A 106 -5.41 -27.51 -14.37
N LYS A 107 -5.88 -28.24 -13.36
CA LYS A 107 -6.65 -27.68 -12.26
C LYS A 107 -5.73 -27.63 -11.05
N TRP A 108 -5.45 -26.42 -10.58
CA TRP A 108 -4.53 -26.21 -9.49
C TRP A 108 -5.25 -25.84 -8.21
N PHE A 109 -4.75 -26.36 -7.08
CA PHE A 109 -5.30 -25.92 -5.82
C PHE A 109 -4.15 -25.51 -4.94
N LYS A 110 -4.42 -24.53 -4.08
CA LYS A 110 -3.36 -23.98 -3.24
C LYS A 110 -3.17 -24.85 -1.99
N VAL A 111 -1.92 -25.21 -1.67
CA VAL A 111 -1.61 -25.99 -0.48
C VAL A 111 -0.80 -25.20 0.56
N ALA A 112 -0.17 -24.11 0.17
CA ALA A 112 0.50 -23.29 1.14
C ALA A 112 0.58 -21.88 0.59
N GLU A 113 0.72 -20.92 1.51
CA GLU A 113 0.99 -19.54 1.17
C GLU A 113 1.73 -18.89 2.31
N ARG A 114 2.57 -17.91 1.95
CA ARG A 114 3.17 -17.04 2.93
C ARG A 114 3.29 -15.66 2.35
N GLY A 115 2.91 -14.65 3.14
CA GLY A 115 2.85 -13.30 2.63
C GLY A 115 3.75 -12.35 3.41
N LEU A 116 3.12 -11.47 4.19
CA LEU A 116 3.78 -10.47 4.98
C LEU A 116 3.42 -10.70 6.44
N ASN A 117 4.44 -10.66 7.31
CA ASN A 117 4.27 -10.88 8.74
C ASN A 117 5.20 -9.94 9.48
N ASN A 118 4.61 -8.95 10.16
CA ASN A 118 5.37 -7.99 10.92
C ASN A 118 6.48 -7.34 10.09
N GLY A 119 6.20 -6.90 8.85
CA GLY A 119 7.23 -6.24 8.05
C GLY A 119 8.17 -7.20 7.31
N VAL A 120 8.03 -8.52 7.49
CA VAL A 120 8.89 -9.52 6.87
C VAL A 120 8.09 -10.27 5.82
N TRP A 121 8.58 -10.24 4.58
CA TRP A 121 7.96 -11.00 3.51
C TRP A 121 8.49 -12.43 3.44
N ALA A 122 7.72 -13.31 2.81
CA ALA A 122 8.17 -14.64 2.48
C ALA A 122 9.53 -14.64 1.78
N VAL A 123 9.78 -13.67 0.92
CA VAL A 123 11.05 -13.56 0.23
C VAL A 123 12.21 -13.21 1.17
N ASP A 124 11.95 -12.41 2.20
CA ASP A 124 12.89 -12.14 3.26
C ASP A 124 13.26 -13.45 3.96
N GLU A 125 12.26 -14.31 4.18
CA GLU A 125 12.50 -15.54 4.89
C GLU A 125 13.29 -16.48 4.00
N LEU A 126 13.02 -16.43 2.70
CA LEU A 126 13.77 -17.19 1.74
C LEU A 126 15.24 -16.80 1.78
N ILE A 127 15.48 -15.48 1.85
CA ILE A 127 16.83 -14.98 1.87
C ILE A 127 17.50 -15.44 3.16
N ALA A 128 16.79 -15.37 4.28
CA ALA A 128 17.30 -15.75 5.59
C ALA A 128 17.64 -17.22 5.58
N ASN A 129 16.85 -18.01 4.86
CA ASN A 129 17.06 -19.45 4.79
C ASN A 129 17.89 -19.84 3.57
N ASN A 130 18.70 -18.90 3.06
CA ASN A 130 19.69 -19.24 2.04
C ASN A 130 19.06 -19.88 0.80
N GLY A 131 17.90 -19.37 0.41
CA GLY A 131 17.24 -19.82 -0.80
C GLY A 131 16.16 -20.86 -0.54
N TRP A 132 16.08 -21.39 0.67
CA TRP A 132 15.07 -22.40 0.97
C TRP A 132 13.75 -21.73 1.40
N HIS A 133 12.68 -22.10 0.72
CA HIS A 133 11.32 -21.82 1.15
C HIS A 133 10.74 -23.12 1.70
N TYR A 134 10.33 -23.06 2.95
CA TYR A 134 9.74 -24.17 3.65
C TYR A 134 8.23 -23.94 3.82
N PHE A 135 7.49 -25.04 3.67
CA PHE A 135 6.08 -25.10 3.94
C PHE A 135 5.79 -26.55 4.30
N ASP A 136 4.62 -26.75 4.91
CA ASP A 136 4.13 -28.06 5.25
C ASP A 136 3.10 -28.42 4.22
N LEU A 137 3.33 -29.54 3.53
CA LEU A 137 2.30 -30.15 2.72
C LEU A 137 1.20 -30.60 3.67
N PRO A 138 -0.04 -30.11 3.55
CA PRO A 138 -1.05 -30.46 4.53
C PRO A 138 -1.34 -31.96 4.58
N SER A 139 -1.62 -32.42 5.79
CA SER A 139 -1.64 -33.84 6.06
C SER A 139 -2.79 -34.53 5.33
N CYS A 140 -3.83 -33.74 4.94
CA CYS A 140 -5.02 -34.28 4.30
C CYS A 140 -4.92 -34.47 2.79
N VAL A 141 -3.85 -34.04 2.16
CA VAL A 141 -3.70 -34.13 0.72
C VAL A 141 -3.69 -35.58 0.29
N ALA A 142 -4.48 -35.84 -0.74
CA ALA A 142 -4.72 -37.16 -1.25
C ALA A 142 -3.48 -37.66 -1.92
N PRO A 143 -3.16 -38.95 -1.75
CA PRO A 143 -1.97 -39.49 -2.40
C PRO A 143 -2.14 -39.47 -3.91
N GLY A 144 -1.01 -39.42 -4.61
CA GLY A 144 -0.99 -39.57 -6.06
C GLY A 144 0.07 -38.67 -6.65
N GLN A 145 0.08 -38.65 -7.97
CA GLN A 145 1.03 -37.87 -8.72
C GLN A 145 0.53 -36.44 -8.89
N TYR A 146 1.44 -35.48 -8.72
CA TYR A 146 1.09 -34.09 -8.90
C TYR A 146 2.29 -33.34 -9.50
N LEU A 147 1.96 -32.27 -10.22
CA LEU A 147 2.93 -31.20 -10.34
C LEU A 147 2.75 -30.26 -9.16
N MET A 148 3.88 -29.85 -8.62
CA MET A 148 3.92 -28.91 -7.50
C MET A 148 4.58 -27.62 -7.99
N ARG A 149 3.76 -26.57 -8.06
CA ARG A 149 4.17 -25.30 -8.59
C ARG A 149 4.52 -24.38 -7.42
N VAL A 150 5.77 -23.88 -7.41
CA VAL A 150 6.16 -22.92 -6.39
C VAL A 150 6.27 -21.56 -7.06
N GLU A 151 5.57 -20.54 -6.50
CA GLU A 151 5.48 -19.24 -7.15
C GLU A 151 5.97 -18.15 -6.21
N LEU A 152 6.93 -17.37 -6.71
CA LEU A 152 7.37 -16.20 -5.99
C LEU A 152 6.90 -14.98 -6.78
N LEU A 153 6.17 -14.11 -6.10
CA LEU A 153 5.68 -12.89 -6.70
C LEU A 153 6.45 -11.71 -6.12
N ALA A 154 7.26 -11.07 -6.94
CA ALA A 154 8.02 -9.89 -6.50
C ALA A 154 7.23 -8.63 -6.84
N LEU A 155 7.04 -7.77 -5.83
CA LEU A 155 6.15 -6.63 -5.89
C LEU A 155 6.89 -5.28 -5.80
N HIS A 156 8.21 -5.26 -6.01
CA HIS A 156 8.96 -4.02 -5.92
C HIS A 156 8.52 -2.97 -6.95
N SER A 157 7.92 -3.39 -8.08
CA SER A 157 7.44 -2.43 -9.08
C SER A 157 5.93 -2.54 -9.29
N ALA A 158 5.26 -3.15 -8.32
CA ALA A 158 3.90 -3.58 -8.56
C ALA A 158 2.89 -2.41 -8.46
N SER A 159 3.32 -1.15 -8.22
CA SER A 159 2.35 -0.07 -8.15
C SER A 159 1.87 0.35 -9.54
N SER A 160 2.57 -0.14 -10.57
CA SER A 160 2.25 0.13 -11.95
C SER A 160 1.59 -1.11 -12.51
N PRO A 161 0.57 -0.95 -13.37
CA PRO A 161 -0.10 -2.09 -13.97
C PRO A 161 0.96 -2.90 -14.70
N GLY A 162 0.99 -4.20 -14.49
CA GLY A 162 1.92 -5.05 -15.22
C GLY A 162 3.27 -5.10 -14.53
N GLY A 163 3.42 -4.46 -13.38
CA GLY A 163 4.73 -4.24 -12.79
C GLY A 163 5.14 -5.39 -11.87
N ALA A 164 4.13 -6.15 -11.42
CA ALA A 164 4.41 -7.33 -10.63
C ALA A 164 5.15 -8.37 -11.48
N GLN A 165 6.05 -9.13 -10.83
CA GLN A 165 6.88 -10.11 -11.50
C GLN A 165 6.66 -11.49 -10.89
N PHE A 166 6.34 -12.46 -11.74
CA PHE A 166 6.00 -13.78 -11.27
C PHE A 166 7.12 -14.72 -11.65
N TYR A 167 7.67 -15.42 -10.66
CA TYR A 167 8.66 -16.46 -10.85
C TYR A 167 8.13 -17.79 -10.36
N MET A 168 8.24 -18.83 -11.14
CA MET A 168 7.63 -20.08 -10.74
C MET A 168 8.38 -21.25 -11.36
N GLY A 169 8.21 -22.42 -10.74
CA GLY A 169 8.54 -23.65 -11.42
C GLY A 169 7.83 -24.83 -10.75
N CYS A 170 7.89 -25.99 -11.43
CA CYS A 170 7.11 -27.15 -11.08
C CYS A 170 8.05 -28.28 -10.72
N ALA A 171 7.77 -28.90 -9.58
CA ALA A 171 8.40 -30.16 -9.24
C ALA A 171 7.44 -31.30 -9.50
N GLN A 172 8.03 -32.47 -9.74
CA GLN A 172 7.32 -33.72 -9.99
C GLN A 172 7.27 -34.50 -8.69
N ILE A 173 6.05 -34.70 -8.14
CA ILE A 173 5.94 -35.34 -6.84
C ILE A 173 4.87 -36.42 -6.88
N GLU A 174 5.05 -37.34 -5.95
CA GLU A 174 4.08 -38.35 -5.60
C GLU A 174 3.79 -38.16 -4.11
N VAL A 175 2.56 -37.73 -3.80
CA VAL A 175 2.16 -37.59 -2.41
C VAL A 175 1.78 -38.96 -1.89
N THR A 176 2.26 -39.34 -0.69
CA THR A 176 1.99 -40.65 -0.10
C THR A 176 1.22 -40.40 1.20
N GLY A 177 0.65 -41.45 1.76
CA GLY A 177 0.07 -41.36 3.09
C GLY A 177 -1.44 -41.61 3.12
N SER A 178 -2.06 -40.92 4.05
CA SER A 178 -3.42 -41.19 4.46
C SER A 178 -4.38 -40.08 4.10
N GLY A 179 -3.97 -39.13 3.32
CA GLY A 179 -4.91 -38.06 3.00
C GLY A 179 -5.99 -38.50 2.01
N THR A 180 -7.09 -37.76 1.95
CA THR A 180 -8.24 -38.03 1.10
C THR A 180 -8.71 -36.78 0.37
N ASN A 181 -8.08 -35.64 0.54
CA ASN A 181 -8.56 -34.35 0.08
C ASN A 181 -7.82 -33.94 -1.19
N SER A 182 -8.57 -33.79 -2.29
CA SER A 182 -8.00 -33.53 -3.62
C SER A 182 -8.08 -32.05 -3.99
N GLY A 183 -8.55 -31.23 -3.03
CA GLY A 183 -8.72 -29.80 -3.26
C GLY A 183 -10.19 -29.41 -3.37
N SER A 184 -10.48 -28.13 -3.24
CA SER A 184 -11.83 -27.61 -3.34
C SER A 184 -11.93 -26.33 -4.20
N ASP A 185 -10.93 -25.45 -4.11
CA ASP A 185 -11.03 -24.12 -4.68
C ASP A 185 -9.94 -24.06 -5.78
N PHE A 186 -10.34 -24.39 -7.01
CA PHE A 186 -9.43 -24.66 -8.11
C PHE A 186 -9.26 -23.45 -9.02
N VAL A 187 -8.04 -23.31 -9.55
CA VAL A 187 -7.77 -22.27 -10.52
C VAL A 187 -6.99 -22.85 -11.68
N SER A 188 -7.08 -22.11 -12.77
CA SER A 188 -6.29 -22.28 -13.97
C SER A 188 -5.04 -21.39 -13.91
N PHE A 189 -3.94 -21.84 -14.54
CA PHE A 189 -2.76 -21.02 -14.75
C PHE A 189 -2.39 -21.07 -16.23
N PRO A 190 -2.57 -19.98 -16.99
CA PRO A 190 -3.07 -18.71 -16.47
C PRO A 190 -4.57 -18.74 -16.18
N GLY A 191 -5.07 -17.70 -15.49
CA GLY A 191 -6.48 -17.50 -15.25
C GLY A 191 -6.78 -17.22 -13.78
N ALA A 192 -5.85 -17.54 -12.89
CA ALA A 192 -6.09 -17.41 -11.46
C ALA A 192 -6.18 -15.96 -11.00
N TYR A 193 -5.49 -15.07 -11.69
CA TYR A 193 -5.20 -13.76 -11.15
C TYR A 193 -5.67 -12.67 -12.12
N SER A 194 -6.17 -11.59 -11.57
CA SER A 194 -6.43 -10.37 -12.29
C SER A 194 -5.26 -9.41 -12.04
N ALA A 195 -4.89 -8.63 -13.04
CA ALA A 195 -3.86 -7.62 -12.89
C ALA A 195 -4.26 -6.46 -11.97
N ASN A 196 -5.55 -6.33 -11.62
CA ASN A 196 -6.00 -5.38 -10.61
C ASN A 196 -6.21 -5.98 -9.22
N ASP A 197 -5.84 -7.24 -9.02
CA ASP A 197 -5.92 -7.82 -7.69
C ASP A 197 -5.14 -6.93 -6.74
N PRO A 198 -5.66 -6.63 -5.53
CA PRO A 198 -4.93 -5.76 -4.61
C PRO A 198 -3.67 -6.36 -4.02
N GLY A 199 -3.38 -7.64 -4.28
CA GLY A 199 -2.09 -8.20 -3.91
C GLY A 199 -1.12 -8.27 -5.09
N ILE A 200 -1.54 -7.69 -6.22
CA ILE A 200 -0.70 -7.65 -7.41
C ILE A 200 -0.45 -6.22 -7.87
N LEU A 201 -1.45 -5.34 -7.75
CA LEU A 201 -1.35 -3.94 -8.06
C LEU A 201 -1.44 -3.13 -6.79
N LEU A 202 -0.29 -2.77 -6.23
CA LEU A 202 -0.23 -2.09 -4.95
C LEU A 202 1.15 -1.47 -4.80
N SER A 203 1.23 -0.51 -3.88
CA SER A 203 2.49 -0.01 -3.39
C SER A 203 2.83 -0.69 -2.06
N ILE A 204 3.95 -1.40 -2.01
CA ILE A 204 4.36 -2.03 -0.76
C ILE A 204 5.20 -1.09 0.10
N TYR A 205 5.22 0.21 -0.18
CA TYR A 205 6.19 1.09 0.46
C TYR A 205 5.49 2.03 1.44
N ASP A 206 6.13 2.30 2.58
CA ASP A 206 5.70 3.42 3.41
C ASP A 206 6.31 4.71 2.87
N SER A 207 6.13 5.81 3.59
CA SER A 207 6.55 7.11 3.10
C SER A 207 8.07 7.24 3.04
N SER A 208 8.80 6.46 3.83
CA SER A 208 10.24 6.50 3.81
C SER A 208 10.81 5.55 2.75
N GLY A 209 9.96 4.78 2.08
CA GLY A 209 10.46 3.84 1.09
C GLY A 209 10.81 2.46 1.67
N LYS A 210 10.39 2.22 2.92
CA LYS A 210 10.53 0.91 3.49
C LYS A 210 9.46 0.01 2.91
N PRO A 211 9.83 -1.19 2.40
CA PRO A 211 8.88 -2.14 1.83
C PRO A 211 8.14 -2.97 2.85
N ASN A 212 7.45 -2.31 3.78
CA ASN A 212 6.75 -2.95 4.87
C ASN A 212 5.25 -2.83 4.68
N ASN A 213 4.83 -2.38 3.49
CA ASN A 213 3.43 -2.30 3.12
C ASN A 213 2.70 -1.27 3.97
N GLY A 214 3.47 -0.42 4.64
CA GLY A 214 2.93 0.77 5.32
C GLY A 214 2.04 0.42 6.51
N GLY A 215 2.20 -0.75 7.12
CA GLY A 215 1.31 -1.14 8.21
C GLY A 215 0.01 -1.80 7.73
N ARG A 216 -0.23 -1.84 6.41
CA ARG A 216 -1.38 -2.52 5.84
C ARG A 216 -1.08 -4.02 5.74
N SER A 217 -2.13 -4.85 5.85
CA SER A 217 -1.96 -6.29 5.63
C SER A 217 -1.77 -6.51 4.15
N TYR A 218 -1.17 -7.63 3.79
CA TYR A 218 -1.00 -7.98 2.41
C TYR A 218 -2.01 -9.06 2.05
N PRO A 219 -2.98 -8.79 1.14
CA PRO A 219 -3.94 -9.79 0.70
C PRO A 219 -3.32 -10.68 -0.38
N ILE A 220 -2.99 -11.91 0.03
CA ILE A 220 -2.32 -12.82 -0.86
C ILE A 220 -3.32 -13.21 -1.93
N PRO A 221 -2.94 -13.10 -3.22
CA PRO A 221 -3.83 -13.46 -4.31
C PRO A 221 -4.04 -14.96 -4.46
N GLY A 222 -5.12 -15.30 -5.18
CA GLY A 222 -5.48 -16.67 -5.44
C GLY A 222 -6.53 -17.17 -4.47
N PRO A 223 -6.89 -18.46 -4.59
CA PRO A 223 -7.86 -19.09 -3.70
C PRO A 223 -7.28 -19.29 -2.32
N ARG A 224 -8.16 -19.62 -1.40
CA ARG A 224 -7.72 -20.05 -0.08
C ARG A 224 -7.01 -21.39 -0.21
N PRO A 225 -5.99 -21.60 0.62
CA PRO A 225 -5.29 -22.88 0.70
C PRO A 225 -6.28 -23.86 1.30
N ILE A 226 -6.08 -25.12 1.00
CA ILE A 226 -6.92 -26.12 1.61
C ILE A 226 -6.70 -26.17 3.13
N SER A 227 -7.77 -26.55 3.82
CA SER A 227 -7.75 -26.78 5.26
C SER A 227 -8.02 -28.24 5.57
N CYS A 228 -7.30 -28.79 6.53
CA CYS A 228 -7.72 -30.06 7.03
C CYS A 228 -8.58 -29.84 8.27
N SER A 229 -8.89 -28.55 8.60
CA SER A 229 -9.48 -28.07 9.87
C SER A 229 -8.76 -28.64 11.10
N HIS B 1 -15.90 -10.66 25.09
CA HIS B 1 -16.60 -9.37 25.38
C HIS B 1 -15.71 -8.28 25.98
N ALA B 2 -15.83 -7.09 25.37
CA ALA B 2 -15.02 -5.94 25.72
C ALA B 2 -15.62 -4.67 25.11
N ILE B 3 -15.28 -3.52 25.69
CA ILE B 3 -15.84 -2.23 25.33
C ILE B 3 -14.72 -1.20 25.16
N PHE B 4 -14.71 -0.55 23.99
CA PHE B 4 -13.85 0.60 23.71
C PHE B 4 -14.33 1.84 24.48
N GLN B 5 -13.41 2.47 25.20
CA GLN B 5 -13.80 3.41 26.24
C GLN B 5 -12.91 4.65 26.35
N ARG B 6 -11.79 4.68 25.61
CA ARG B 6 -10.80 5.72 25.81
C ARG B 6 -9.84 5.78 24.65
N VAL B 7 -9.38 7.00 24.37
CA VAL B 7 -8.48 7.29 23.26
C VAL B 7 -7.21 7.97 23.77
N SER B 8 -6.07 7.64 23.15
CA SER B 8 -4.84 8.41 23.37
C SER B 8 -4.36 8.94 22.01
N VAL B 9 -3.79 10.14 22.02
CA VAL B 9 -3.28 10.75 20.82
C VAL B 9 -1.84 11.11 21.07
N ASN B 10 -0.94 10.45 20.34
CA ASN B 10 0.50 10.66 20.49
C ASN B 10 0.89 10.48 21.95
N GLY B 11 0.32 9.46 22.59
CA GLY B 11 0.68 9.15 23.96
C GLY B 11 -0.11 9.97 24.98
N GLN B 12 -0.90 10.96 24.57
CA GLN B 12 -1.66 11.73 25.53
C GLN B 12 -3.09 11.19 25.66
N ASP B 13 -3.37 10.68 26.86
CA ASP B 13 -4.66 10.12 27.22
C ASP B 13 -5.70 11.21 27.20
N GLN B 14 -6.82 11.00 26.51
CA GLN B 14 -7.83 12.02 26.34
C GLN B 14 -8.80 12.02 27.52
N GLY B 15 -8.81 10.91 28.28
CA GLY B 15 -9.62 10.76 29.48
C GLY B 15 -10.62 9.64 29.31
N GLN B 16 -11.01 9.03 30.45
CA GLN B 16 -12.01 7.98 30.46
C GLN B 16 -13.29 8.49 29.81
N LEU B 17 -13.72 7.78 28.74
CA LEU B 17 -14.93 7.97 27.95
C LEU B 17 -15.04 9.37 27.34
N LYS B 18 -13.94 10.11 27.31
CA LYS B 18 -13.92 11.37 26.61
C LYS B 18 -13.88 11.13 25.11
N GLY B 19 -14.96 11.55 24.47
CA GLY B 19 -15.05 11.48 23.02
C GLY B 19 -15.35 10.07 22.53
N VAL B 20 -15.63 9.10 23.43
CA VAL B 20 -15.98 7.76 23.00
C VAL B 20 -17.43 7.40 23.34
N ARG B 21 -18.21 7.03 22.31
CA ARG B 21 -19.57 6.57 22.47
C ARG B 21 -19.53 5.09 22.84
N ALA B 22 -20.12 4.72 23.97
CA ALA B 22 -20.01 3.36 24.47
C ALA B 22 -21.30 2.88 25.10
N PRO B 23 -21.62 1.57 24.99
CA PRO B 23 -22.69 0.94 25.79
C PRO B 23 -22.15 0.70 27.19
N SER B 24 -23.03 0.35 28.15
CA SER B 24 -22.58 -0.12 29.45
C SER B 24 -22.55 -1.65 29.58
N SER B 25 -22.85 -2.36 28.49
CA SER B 25 -23.28 -3.73 28.57
C SER B 25 -23.24 -4.20 27.14
N ASN B 26 -22.19 -4.93 26.80
CA ASN B 26 -22.02 -5.25 25.42
C ASN B 26 -21.94 -6.75 25.22
N SER B 27 -23.03 -7.29 24.63
CA SER B 27 -22.92 -8.49 23.80
C SER B 27 -22.38 -8.20 22.37
N PRO B 28 -21.76 -9.17 21.68
CA PRO B 28 -21.30 -8.94 20.32
C PRO B 28 -22.43 -8.79 19.31
N ILE B 29 -22.17 -8.12 18.20
CA ILE B 29 -23.00 -8.21 17.01
C ILE B 29 -22.57 -9.49 16.30
N GLN B 30 -23.50 -10.34 15.90
CA GLN B 30 -23.13 -11.51 15.13
C GLN B 30 -23.78 -11.54 13.78
N ASN B 31 -24.65 -10.56 13.49
CA ASN B 31 -25.25 -10.44 12.20
C ASN B 31 -24.61 -9.25 11.47
N VAL B 32 -23.91 -9.52 10.37
CA VAL B 32 -23.18 -8.50 9.65
C VAL B 32 -24.13 -7.43 9.10
N ASN B 33 -25.42 -7.75 8.96
CA ASN B 33 -26.38 -6.78 8.46
C ASN B 33 -27.10 -6.02 9.57
N ASP B 34 -26.72 -6.18 10.82
CA ASP B 34 -27.37 -5.46 11.91
C ASP B 34 -27.18 -3.96 11.70
N ALA B 35 -28.26 -3.21 11.94
CA ALA B 35 -28.30 -1.77 11.80
C ALA B 35 -27.26 -1.08 12.68
N ASN B 36 -26.82 -1.75 13.75
CA ASN B 36 -25.96 -1.17 14.76
C ASN B 36 -24.49 -1.58 14.56
N MET B 37 -24.22 -2.11 13.38
CA MET B 37 -22.86 -2.53 13.09
C MET B 37 -21.92 -1.32 13.07
N ALA B 38 -22.42 -0.11 12.79
CA ALA B 38 -21.57 1.10 12.73
C ALA B 38 -20.89 1.39 14.06
N CYS B 39 -21.68 1.64 15.11
CA CYS B 39 -21.15 2.16 16.35
C CYS B 39 -21.72 1.39 17.54
N ASN B 40 -22.23 0.20 17.25
CA ASN B 40 -22.75 -0.68 18.29
C ASN B 40 -24.13 -0.19 18.74
N ALA B 41 -24.74 -0.98 19.63
CA ALA B 41 -26.08 -0.76 20.12
C ALA B 41 -26.10 -0.28 21.56
N ASN B 42 -27.24 0.31 21.96
CA ASN B 42 -27.49 0.68 23.34
C ASN B 42 -26.39 1.57 23.92
N ILE B 43 -26.03 2.61 23.18
CA ILE B 43 -25.09 3.60 23.69
C ILE B 43 -25.64 4.26 24.96
N VAL B 44 -24.77 4.34 25.97
CA VAL B 44 -25.08 4.96 27.23
C VAL B 44 -24.22 6.22 27.44
N TYR B 45 -22.95 6.12 27.08
CA TYR B 45 -21.96 7.14 27.38
C TYR B 45 -21.69 7.89 26.08
N HIS B 46 -22.00 9.18 26.07
CA HIS B 46 -21.89 10.00 24.87
C HIS B 46 -21.79 11.46 25.34
N ASP B 47 -20.59 11.98 25.39
CA ASP B 47 -20.32 13.34 25.78
C ASP B 47 -20.06 14.18 24.52
N ASN B 48 -19.75 15.45 24.71
CA ASN B 48 -19.58 16.40 23.62
C ASN B 48 -18.11 16.66 23.35
N THR B 49 -17.20 15.86 23.92
CA THR B 49 -15.80 15.98 23.57
C THR B 49 -15.57 15.60 22.11
N ILE B 50 -14.87 16.48 21.40
CA ILE B 50 -14.35 16.14 20.07
C ILE B 50 -12.84 16.11 20.17
N ILE B 51 -12.24 14.95 19.96
CA ILE B 51 -10.82 14.76 20.15
C ILE B 51 -10.11 15.26 18.90
N LYS B 52 -9.13 16.18 19.12
CA LYS B 52 -8.26 16.62 18.04
C LYS B 52 -7.20 15.56 17.76
N VAL B 53 -7.14 15.09 16.51
CA VAL B 53 -6.15 14.10 16.11
C VAL B 53 -5.40 14.63 14.89
N PRO B 54 -4.11 15.00 15.01
CA PRO B 54 -3.31 15.37 13.84
C PRO B 54 -3.24 14.18 12.90
N ALA B 55 -3.38 14.43 11.59
CA ALA B 55 -3.10 13.39 10.61
C ALA B 55 -1.66 12.99 10.81
N GLY B 56 -1.37 11.66 10.82
CA GLY B 56 -0.02 11.18 11.10
C GLY B 56 0.16 10.76 12.57
N ALA B 57 -0.78 11.13 13.45
CA ALA B 57 -0.66 10.81 14.87
C ALA B 57 -0.75 9.30 15.12
N ARG B 58 -0.12 8.89 16.22
CA ARG B 58 -0.26 7.56 16.77
C ARG B 58 -1.41 7.56 17.75
N VAL B 59 -2.42 6.76 17.43
CA VAL B 59 -3.68 6.75 18.15
C VAL B 59 -3.78 5.44 18.93
N GLY B 60 -4.17 5.57 20.20
CA GLY B 60 -4.53 4.42 21.00
C GLY B 60 -6.03 4.35 21.25
N ALA B 61 -6.57 3.14 21.16
CA ALA B 61 -7.93 2.84 21.56
C ALA B 61 -7.89 1.82 22.71
N TRP B 62 -8.42 2.20 23.88
CA TRP B 62 -8.43 1.34 25.05
C TRP B 62 -9.72 0.55 25.16
N TRP B 63 -9.55 -0.77 25.36
CA TRP B 63 -10.61 -1.73 25.57
C TRP B 63 -10.46 -2.35 26.96
N GLN B 64 -11.58 -2.54 27.64
CA GLN B 64 -11.62 -3.30 28.88
C GLN B 64 -12.90 -4.16 28.85
N HIS B 65 -12.85 -5.25 29.64
CA HIS B 65 -13.95 -6.19 29.71
C HIS B 65 -15.26 -5.47 30.00
N VAL B 66 -15.25 -4.60 31.01
CA VAL B 66 -16.40 -3.79 31.39
C VAL B 66 -16.00 -2.31 31.43
N ILE B 67 -17.00 -1.42 31.59
CA ILE B 67 -16.73 0.00 31.71
C ILE B 67 -15.93 0.25 32.97
N GLY B 68 -14.77 0.92 32.83
CA GLY B 68 -13.92 1.31 33.94
C GLY B 68 -12.97 0.20 34.42
N GLY B 69 -12.93 -0.95 33.72
CA GLY B 69 -11.83 -1.87 33.95
C GLY B 69 -12.18 -3.36 34.07
N PRO B 70 -11.52 -4.05 35.03
CA PRO B 70 -11.76 -5.50 35.21
C PRO B 70 -13.02 -5.96 35.96
N GLN B 71 -13.66 -7.05 35.46
CA GLN B 71 -14.80 -7.70 36.12
C GLN B 71 -14.34 -8.39 37.40
N GLY B 72 -14.24 -7.58 38.46
CA GLY B 72 -13.86 -8.07 39.78
C GLY B 72 -12.53 -7.46 40.20
N ALA B 73 -11.53 -7.62 39.32
CA ALA B 73 -10.13 -7.35 39.62
C ALA B 73 -9.52 -8.71 39.92
N ASN B 74 -8.53 -9.11 39.10
CA ASN B 74 -8.19 -10.51 38.88
C ASN B 74 -9.20 -11.15 37.96
N ASP B 75 -9.51 -10.37 36.92
CA ASP B 75 -10.38 -10.77 35.82
C ASP B 75 -9.50 -11.40 34.74
N PRO B 76 -9.55 -12.72 34.55
CA PRO B 76 -8.76 -13.33 33.49
C PRO B 76 -9.17 -12.88 32.11
N ASP B 77 -10.37 -12.30 31.98
CA ASP B 77 -10.93 -11.93 30.70
C ASP B 77 -10.80 -10.41 30.47
N ASN B 78 -9.86 -9.78 31.17
CA ASN B 78 -9.65 -8.35 30.99
C ASN B 78 -8.25 -8.20 30.44
N PRO B 79 -8.01 -7.45 29.35
CA PRO B 79 -9.01 -6.59 28.71
C PRO B 79 -10.09 -7.30 27.90
N ILE B 80 -9.79 -8.52 27.44
CA ILE B 80 -10.75 -9.35 26.73
C ILE B 80 -10.31 -10.81 26.90
N ALA B 81 -11.25 -11.74 26.79
CA ALA B 81 -10.90 -13.16 26.91
C ALA B 81 -9.84 -13.51 25.88
N ALA B 82 -8.85 -14.28 26.30
CA ALA B 82 -7.75 -14.68 25.44
C ALA B 82 -8.20 -15.54 24.27
N SER B 83 -9.36 -16.18 24.39
CA SER B 83 -9.88 -17.02 23.32
C SER B 83 -10.26 -16.19 22.10
N HIS B 84 -10.54 -14.89 22.31
CA HIS B 84 -11.24 -14.06 21.32
C HIS B 84 -10.30 -13.52 20.25
N LYS B 85 -9.48 -14.38 19.64
CA LYS B 85 -8.52 -13.96 18.63
C LYS B 85 -9.19 -13.30 17.44
N GLY B 86 -8.53 -12.30 16.87
CA GLY B 86 -9.02 -11.72 15.64
C GLY B 86 -8.30 -10.42 15.31
N PRO B 87 -8.72 -9.79 14.19
CA PRO B 87 -8.16 -8.50 13.80
C PRO B 87 -8.83 -7.33 14.53
N ILE B 88 -8.13 -6.19 14.48
CA ILE B 88 -8.67 -4.92 14.88
C ILE B 88 -8.45 -3.93 13.73
N GLN B 89 -9.51 -3.18 13.41
CA GLN B 89 -9.52 -2.28 12.29
C GLN B 89 -10.18 -0.95 12.67
N VAL B 90 -9.82 0.10 11.93
CA VAL B 90 -10.33 1.42 12.21
C VAL B 90 -10.82 2.04 10.90
N TYR B 91 -12.04 2.59 10.96
CA TYR B 91 -12.63 3.33 9.85
C TYR B 91 -12.96 4.74 10.32
N LEU B 92 -12.93 5.67 9.36
CA LEU B 92 -13.47 7.00 9.53
C LEU B 92 -14.72 7.23 8.66
N ALA B 93 -15.61 8.08 9.15
CA ALA B 93 -16.67 8.62 8.35
C ALA B 93 -16.78 10.13 8.57
N LYS B 94 -16.82 10.90 7.48
CA LYS B 94 -16.87 12.36 7.59
C LYS B 94 -18.27 12.77 8.04
N VAL B 95 -18.37 13.70 8.98
CA VAL B 95 -19.66 14.20 9.44
C VAL B 95 -19.61 15.72 9.62
N ASP B 96 -20.76 16.37 9.82
CA ASP B 96 -20.80 17.81 9.98
C ASP B 96 -20.24 18.18 11.35
N ASN B 97 -20.56 17.39 12.36
CA ASN B 97 -20.28 17.67 13.76
C ASN B 97 -20.19 16.33 14.51
N ALA B 98 -19.02 15.99 15.07
CA ALA B 98 -18.77 14.65 15.51
C ALA B 98 -19.46 14.39 16.86
N ALA B 99 -19.80 15.46 17.59
CA ALA B 99 -20.52 15.30 18.84
C ALA B 99 -21.96 14.88 18.61
N THR B 100 -22.57 15.40 17.54
CA THR B 100 -24.00 15.25 17.34
C THR B 100 -24.34 14.26 16.23
N ALA B 101 -23.41 13.92 15.34
CA ALA B 101 -23.78 13.15 14.15
C ALA B 101 -24.29 11.76 14.52
N SER B 102 -25.40 11.36 13.91
CA SER B 102 -25.86 10.00 13.97
C SER B 102 -24.96 9.09 13.14
N PRO B 103 -24.68 7.84 13.60
CA PRO B 103 -23.86 6.89 12.82
C PRO B 103 -24.54 6.16 11.66
N SER B 104 -25.84 6.42 11.45
CA SER B 104 -26.59 5.77 10.39
C SER B 104 -26.32 6.41 9.04
N GLY B 105 -26.08 5.55 8.04
CA GLY B 105 -26.07 5.95 6.65
C GLY B 105 -24.79 6.70 6.30
N LEU B 106 -23.69 6.48 7.05
CA LEU B 106 -22.46 7.19 6.73
C LEU B 106 -21.60 6.40 5.74
N LYS B 107 -20.65 7.12 5.13
CA LYS B 107 -19.69 6.54 4.21
C LYS B 107 -18.37 6.37 4.93
N TRP B 108 -17.94 5.13 5.12
CA TRP B 108 -16.73 4.82 5.87
C TRP B 108 -15.59 4.45 4.95
N PHE B 109 -14.38 4.86 5.34
CA PHE B 109 -13.19 4.38 4.68
C PHE B 109 -12.26 3.88 5.75
N LYS B 110 -11.50 2.85 5.43
CA LYS B 110 -10.61 2.23 6.40
C LYS B 110 -9.28 3.00 6.46
N VAL B 111 -8.78 3.22 7.69
CA VAL B 111 -7.52 3.92 7.88
C VAL B 111 -6.47 3.04 8.53
N ALA B 112 -6.84 1.94 9.17
CA ALA B 112 -5.86 1.06 9.76
C ALA B 112 -6.45 -0.33 9.92
N GLU B 113 -5.60 -1.33 9.89
CA GLU B 113 -6.01 -2.71 10.07
C GLU B 113 -4.84 -3.50 10.62
N ARG B 114 -5.15 -4.49 11.46
CA ARG B 114 -4.12 -5.37 11.94
C ARG B 114 -4.76 -6.75 12.11
N GLY B 115 -4.08 -7.78 11.58
CA GLY B 115 -4.67 -9.10 11.53
C GLY B 115 -3.81 -10.08 12.31
N LEU B 116 -3.24 -11.01 11.56
CA LEU B 116 -2.46 -12.11 12.10
C LEU B 116 -1.05 -11.97 11.55
N ASN B 117 -0.08 -11.99 12.47
CA ASN B 117 1.31 -11.90 12.11
C ASN B 117 2.05 -12.97 12.88
N ASN B 118 2.52 -13.99 12.18
CA ASN B 118 3.32 -15.04 12.79
C ASN B 118 2.66 -15.67 14.02
N GLY B 119 1.40 -16.02 13.93
CA GLY B 119 0.75 -16.66 15.07
C GLY B 119 0.16 -15.72 16.11
N VAL B 120 0.43 -14.41 15.99
CA VAL B 120 -0.03 -13.42 16.94
C VAL B 120 -1.10 -12.54 16.28
N TRP B 121 -2.27 -12.49 16.87
CA TRP B 121 -3.34 -11.64 16.41
C TRP B 121 -3.27 -10.26 17.04
N ALA B 122 -3.93 -9.31 16.37
CA ALA B 122 -4.12 -7.96 16.89
C ALA B 122 -4.66 -8.00 18.32
N VAL B 123 -5.55 -8.95 18.62
CA VAL B 123 -6.12 -9.06 19.96
C VAL B 123 -5.09 -9.50 21.00
N ASP B 124 -4.14 -10.35 20.60
CA ASP B 124 -3.05 -10.75 21.46
C ASP B 124 -2.20 -9.55 21.83
N GLU B 125 -1.99 -8.67 20.84
CA GLU B 125 -1.21 -7.47 21.03
C GLU B 125 -1.94 -6.55 21.98
N LEU B 126 -3.27 -6.47 21.83
CA LEU B 126 -4.09 -5.66 22.69
C LEU B 126 -3.98 -6.15 24.14
N ILE B 127 -3.98 -7.47 24.31
CA ILE B 127 -3.86 -8.05 25.65
C ILE B 127 -2.51 -7.68 26.24
N ALA B 128 -1.47 -7.81 25.43
CA ALA B 128 -0.10 -7.54 25.85
C ALA B 128 0.01 -6.08 26.24
N ASN B 129 -0.71 -5.21 25.51
CA ASN B 129 -0.67 -3.78 25.78
C ASN B 129 -1.74 -3.31 26.75
N ASN B 130 -2.22 -4.21 27.62
CA ASN B 130 -3.17 -3.85 28.68
C ASN B 130 -4.39 -3.12 28.14
N GLY B 131 -4.93 -3.59 27.01
CA GLY B 131 -6.17 -3.08 26.48
C GLY B 131 -5.94 -2.04 25.38
N TRP B 132 -4.70 -1.60 25.19
CA TRP B 132 -4.47 -0.54 24.21
C TRP B 132 -4.19 -1.13 22.83
N HIS B 133 -4.99 -0.68 21.85
CA HIS B 133 -4.74 -0.95 20.45
C HIS B 133 -4.19 0.35 19.86
N TYR B 134 -3.00 0.24 19.24
CA TYR B 134 -2.34 1.39 18.64
C TYR B 134 -2.34 1.28 17.12
N PHE B 135 -2.52 2.41 16.45
CA PHE B 135 -2.42 2.51 15.00
C PHE B 135 -2.06 3.95 14.67
N ASP B 136 -1.61 4.16 13.43
CA ASP B 136 -1.26 5.49 12.95
C ASP B 136 -2.36 5.95 12.05
N LEU B 137 -2.92 7.10 12.38
CA LEU B 137 -3.81 7.77 11.45
C LEU B 137 -2.95 8.24 10.28
N PRO B 138 -3.19 7.82 9.03
CA PRO B 138 -2.35 8.25 7.91
C PRO B 138 -2.32 9.76 7.74
N SER B 139 -1.12 10.22 7.36
CA SER B 139 -0.82 11.62 7.31
C SER B 139 -1.69 12.37 6.27
N CYS B 140 -2.30 11.66 5.33
CA CYS B 140 -2.96 12.31 4.20
C CYS B 140 -4.44 12.56 4.44
N VAL B 141 -5.00 12.01 5.52
CA VAL B 141 -6.40 12.25 5.85
C VAL B 141 -6.70 13.76 5.95
N ALA B 142 -7.76 14.13 5.23
CA ALA B 142 -8.20 15.51 5.12
C ALA B 142 -8.77 15.97 6.46
N PRO B 143 -8.51 17.22 6.86
CA PRO B 143 -9.00 17.71 8.14
C PRO B 143 -10.51 17.79 8.16
N GLY B 144 -11.07 17.71 9.37
CA GLY B 144 -12.48 17.89 9.57
C GLY B 144 -12.99 16.94 10.64
N GLN B 145 -14.31 16.97 10.80
CA GLN B 145 -14.96 16.15 11.81
C GLN B 145 -15.24 14.75 11.27
N TYR B 146 -14.96 13.74 12.10
CA TYR B 146 -15.23 12.36 11.70
C TYR B 146 -15.69 11.54 12.90
N LEU B 147 -16.48 10.50 12.62
CA LEU B 147 -16.54 9.40 13.56
C LEU B 147 -15.44 8.42 13.23
N MET B 148 -14.75 7.97 14.28
CA MET B 148 -13.74 6.97 14.19
C MET B 148 -14.26 5.67 14.83
N ARG B 149 -14.48 4.67 14.00
CA ARG B 149 -15.04 3.41 14.44
C ARG B 149 -13.90 2.42 14.59
N VAL B 150 -13.75 1.87 15.81
CA VAL B 150 -12.75 0.85 16.08
C VAL B 150 -13.46 -0.50 16.25
N GLU B 151 -13.05 -1.51 15.45
CA GLU B 151 -13.75 -2.79 15.35
C GLU B 151 -12.82 -3.93 15.72
N LEU B 152 -13.23 -4.71 16.70
CA LEU B 152 -12.54 -5.91 17.07
C LEU B 152 -13.42 -7.10 16.67
N LEU B 153 -12.87 -7.99 15.85
CA LEU B 153 -13.60 -9.12 15.34
C LEU B 153 -13.01 -10.37 15.99
N ALA B 154 -13.79 -11.02 16.84
CA ALA B 154 -13.37 -12.24 17.50
C ALA B 154 -13.82 -13.45 16.69
N LEU B 155 -12.85 -14.34 16.36
CA LEU B 155 -13.07 -15.43 15.41
C LEU B 155 -13.04 -16.82 16.05
N HIS B 156 -13.12 -16.92 17.38
CA HIS B 156 -12.94 -18.21 18.07
C HIS B 156 -14.05 -19.20 17.71
N SER B 157 -15.25 -18.72 17.30
CA SER B 157 -16.35 -19.58 16.88
C SER B 157 -16.75 -19.29 15.43
N ALA B 158 -15.82 -18.71 14.67
CA ALA B 158 -16.19 -18.20 13.34
C ALA B 158 -16.18 -19.31 12.29
N SER B 159 -15.97 -20.59 12.67
CA SER B 159 -16.10 -21.71 11.74
C SER B 159 -17.52 -21.88 11.24
N SER B 160 -18.46 -21.42 12.05
CA SER B 160 -19.88 -21.56 11.85
C SER B 160 -20.42 -20.29 11.24
N PRO B 161 -21.42 -20.40 10.36
CA PRO B 161 -22.08 -19.20 9.86
C PRO B 161 -22.63 -18.47 11.08
N GLY B 162 -22.39 -17.15 11.15
CA GLY B 162 -22.96 -16.37 12.23
C GLY B 162 -22.13 -16.46 13.51
N GLY B 163 -20.98 -17.17 13.49
CA GLY B 163 -20.23 -17.48 14.70
C GLY B 163 -19.26 -16.37 15.07
N ALA B 164 -18.89 -15.59 14.06
CA ALA B 164 -18.02 -14.45 14.22
C ALA B 164 -18.66 -13.40 15.11
N GLN B 165 -17.84 -12.71 15.90
CA GLN B 165 -18.35 -11.73 16.86
C GLN B 165 -17.72 -10.37 16.61
N PHE B 166 -18.55 -9.36 16.33
CA PHE B 166 -18.05 -8.02 16.07
C PHE B 166 -18.27 -7.14 17.29
N TYR B 167 -17.20 -6.49 17.75
CA TYR B 167 -17.26 -5.51 18.83
C TYR B 167 -16.77 -4.19 18.26
N MET B 168 -17.52 -3.12 18.50
CA MET B 168 -17.07 -1.87 17.92
C MET B 168 -17.49 -0.69 18.78
N GLY B 169 -16.85 0.45 18.53
CA GLY B 169 -17.31 1.71 19.10
C GLY B 169 -16.77 2.88 18.30
N CYS B 170 -17.42 4.03 18.45
CA CYS B 170 -17.09 5.23 17.70
C CYS B 170 -16.55 6.29 18.63
N ALA B 171 -15.43 6.89 18.20
CA ALA B 171 -14.92 8.07 18.84
C ALA B 171 -15.23 9.27 17.95
N GLN B 172 -15.37 10.42 18.64
CA GLN B 172 -15.69 11.68 18.02
C GLN B 172 -14.38 12.45 17.85
N ILE B 173 -13.98 12.70 16.59
CA ILE B 173 -12.68 13.31 16.38
C ILE B 173 -12.78 14.46 15.40
N GLU B 174 -11.82 15.35 15.53
CA GLU B 174 -11.51 16.34 14.51
C GLU B 174 -10.07 16.08 14.05
N VAL B 175 -9.94 15.74 12.77
CA VAL B 175 -8.61 15.55 12.20
C VAL B 175 -8.05 16.91 11.83
N THR B 176 -6.79 17.16 12.20
CA THR B 176 -6.13 18.42 11.89
C THR B 176 -4.99 18.14 10.91
N GLY B 177 -4.55 19.23 10.28
CA GLY B 177 -3.30 19.24 9.55
C GLY B 177 -3.55 19.53 8.08
N SER B 178 -2.81 18.83 7.24
CA SER B 178 -2.54 19.29 5.90
C SER B 178 -2.94 18.26 4.87
N GLY B 179 -3.56 17.17 5.31
CA GLY B 179 -3.96 16.14 4.37
C GLY B 179 -5.05 16.64 3.43
N THR B 180 -5.20 15.96 2.28
CA THR B 180 -6.23 16.30 1.32
C THR B 180 -7.06 15.08 0.90
N ASN B 181 -6.84 13.91 1.49
CA ASN B 181 -7.46 12.67 1.08
C ASN B 181 -8.68 12.34 1.95
N SER B 182 -9.85 12.28 1.29
CA SER B 182 -11.15 12.15 1.97
C SER B 182 -11.65 10.72 1.91
N GLY B 183 -10.76 9.81 1.51
CA GLY B 183 -11.07 8.39 1.42
C GLY B 183 -11.24 7.95 -0.04
N SER B 184 -11.17 6.64 -0.26
CA SER B 184 -11.12 6.14 -1.61
C SER B 184 -12.11 4.99 -1.85
N ASP B 185 -12.07 4.00 -0.96
CA ASP B 185 -12.77 2.73 -1.18
C ASP B 185 -13.77 2.66 -0.02
N PHE B 186 -15.02 3.08 -0.28
CA PHE B 186 -16.01 3.39 0.72
C PHE B 186 -16.95 2.23 1.00
N VAL B 187 -17.38 2.11 2.27
CA VAL B 187 -18.39 1.13 2.62
C VAL B 187 -19.42 1.73 3.55
N SER B 188 -20.57 1.06 3.59
CA SER B 188 -21.62 1.30 4.58
C SER B 188 -21.45 0.30 5.72
N PHE B 189 -21.97 0.71 6.89
CA PHE B 189 -22.12 -0.16 8.04
C PHE B 189 -23.54 -0.02 8.55
N PRO B 190 -24.38 -1.08 8.42
CA PRO B 190 -23.98 -2.35 7.80
C PRO B 190 -23.83 -2.26 6.29
N GLY B 191 -23.20 -3.30 5.70
CA GLY B 191 -23.11 -3.49 4.26
C GLY B 191 -21.69 -3.81 3.81
N ALA B 192 -20.70 -3.58 4.65
CA ALA B 192 -19.31 -3.74 4.25
C ALA B 192 -18.91 -5.20 4.07
N TYR B 193 -19.57 -6.10 4.77
CA TYR B 193 -19.07 -7.45 4.90
C TYR B 193 -20.15 -8.44 4.49
N SER B 194 -19.71 -9.55 3.91
CA SER B 194 -20.55 -10.70 3.66
C SER B 194 -20.27 -11.72 4.75
N ALA B 195 -21.32 -12.45 5.17
CA ALA B 195 -21.17 -13.46 6.20
C ALA B 195 -20.34 -14.66 5.74
N ASN B 196 -20.04 -14.81 4.44
CA ASN B 196 -19.12 -15.89 4.05
C ASN B 196 -17.79 -15.33 3.50
N ASP B 197 -17.49 -14.09 3.83
CA ASP B 197 -16.16 -13.57 3.62
C ASP B 197 -15.15 -14.52 4.26
N PRO B 198 -14.00 -14.83 3.63
CA PRO B 198 -13.02 -15.74 4.22
C PRO B 198 -12.29 -15.19 5.45
N GLY B 199 -12.49 -13.92 5.77
CA GLY B 199 -11.98 -13.39 7.02
C GLY B 199 -13.03 -13.42 8.14
N ILE B 200 -14.22 -13.95 7.81
CA ILE B 200 -15.34 -13.96 8.75
C ILE B 200 -15.84 -15.39 8.99
N LEU B 201 -15.87 -16.20 7.94
CA LEU B 201 -16.23 -17.60 8.01
C LEU B 201 -14.99 -18.43 7.75
N LEU B 202 -14.38 -18.92 8.83
CA LEU B 202 -13.12 -19.65 8.71
C LEU B 202 -12.83 -20.36 10.02
N SER B 203 -11.90 -21.29 9.92
CA SER B 203 -11.37 -21.94 11.12
C SER B 203 -9.99 -21.38 11.37
N ILE B 204 -9.78 -20.78 12.54
CA ILE B 204 -8.47 -20.24 12.84
C ILE B 204 -7.60 -21.29 13.53
N TYR B 205 -7.98 -22.57 13.54
CA TYR B 205 -7.30 -23.53 14.40
C TYR B 205 -6.44 -24.47 13.59
N ASP B 206 -5.27 -24.83 14.10
CA ASP B 206 -4.56 -25.98 13.59
C ASP B 206 -5.12 -27.24 14.25
N SER B 207 -4.49 -28.37 13.96
CA SER B 207 -5.06 -29.65 14.37
C SER B 207 -4.91 -29.85 15.88
N SER B 208 -3.96 -29.16 16.52
CA SER B 208 -3.80 -29.25 17.95
C SER B 208 -4.75 -28.29 18.69
N GLY B 209 -5.49 -27.49 17.95
CA GLY B 209 -6.40 -26.52 18.58
C GLY B 209 -5.74 -25.17 18.83
N LYS B 210 -4.51 -24.97 18.36
CA LYS B 210 -3.85 -23.69 18.47
C LYS B 210 -4.45 -22.72 17.46
N PRO B 211 -4.86 -21.51 17.91
CA PRO B 211 -5.48 -20.51 17.04
C PRO B 211 -4.50 -19.68 16.24
N ASN B 212 -3.69 -20.37 15.43
CA ASN B 212 -2.64 -19.76 14.66
C ASN B 212 -2.97 -19.83 13.16
N ASN B 213 -4.20 -20.20 12.84
CA ASN B 213 -4.71 -20.18 11.48
C ASN B 213 -4.03 -21.22 10.61
N GLY B 214 -3.36 -22.17 11.26
CA GLY B 214 -2.77 -23.33 10.61
C GLY B 214 -1.69 -22.98 9.60
N GLY B 215 -1.01 -21.84 9.76
CA GLY B 215 -0.02 -21.46 8.76
C GLY B 215 -0.61 -20.79 7.51
N ARG B 216 -1.94 -20.63 7.45
CA ARG B 216 -2.61 -19.86 6.40
C ARG B 216 -2.55 -18.38 6.77
N SER B 217 -2.50 -17.49 5.79
CA SER B 217 -2.62 -16.06 6.09
C SER B 217 -4.06 -15.76 6.44
N TYR B 218 -4.27 -14.68 7.20
CA TYR B 218 -5.63 -14.25 7.50
C TYR B 218 -5.98 -13.06 6.60
N PRO B 219 -6.98 -13.18 5.73
CA PRO B 219 -7.42 -12.08 4.87
C PRO B 219 -8.39 -11.17 5.63
N ILE B 220 -7.89 -9.99 5.99
CA ILE B 220 -8.65 -9.06 6.76
C ILE B 220 -9.78 -8.56 5.90
N PRO B 221 -11.02 -8.61 6.40
CA PRO B 221 -12.18 -8.21 5.61
C PRO B 221 -12.31 -6.70 5.46
N GLY B 222 -13.07 -6.29 4.46
CA GLY B 222 -13.37 -4.90 4.22
C GLY B 222 -12.49 -4.35 3.10
N PRO B 223 -12.61 -3.03 2.82
CA PRO B 223 -11.86 -2.43 1.73
C PRO B 223 -10.42 -2.26 2.18
N ARG B 224 -9.57 -1.93 1.20
CA ARG B 224 -8.20 -1.63 1.52
C ARG B 224 -8.16 -0.32 2.28
N PRO B 225 -7.23 -0.22 3.26
CA PRO B 225 -6.99 1.03 3.95
C PRO B 225 -6.46 2.02 2.94
N ILE B 226 -6.70 3.30 3.18
CA ILE B 226 -6.11 4.31 2.33
C ILE B 226 -4.60 4.30 2.47
N SER B 227 -3.92 4.67 1.40
CA SER B 227 -2.48 4.89 1.44
C SER B 227 -2.21 6.30 0.95
N CYS B 228 -1.13 6.86 1.45
CA CYS B 228 -0.71 8.14 0.92
C CYS B 228 0.31 7.89 -0.20
N SER B 229 0.38 6.64 -0.73
CA SER B 229 1.28 6.13 -1.78
C SER B 229 2.76 6.33 -1.38
N HIS C 1 15.26 21.29 -0.62
CA HIS C 1 15.72 20.45 -1.78
C HIS C 1 14.86 19.20 -2.01
N ALA C 2 14.38 19.04 -3.25
CA ALA C 2 13.55 17.93 -3.67
C ALA C 2 13.54 17.82 -5.20
N ILE C 3 13.21 16.63 -5.71
CA ILE C 3 13.24 16.34 -7.14
C ILE C 3 11.96 15.61 -7.54
N PHE C 4 11.29 16.15 -8.56
CA PHE C 4 10.17 15.53 -9.23
C PHE C 4 10.62 14.34 -10.08
N GLN C 5 10.00 13.19 -9.89
CA GLN C 5 10.55 11.94 -10.34
C GLN C 5 9.52 10.94 -10.86
N ARG C 6 8.22 11.25 -10.76
CA ARG C 6 7.20 10.27 -11.11
C ARG C 6 5.85 10.92 -11.25
N VAL C 7 5.02 10.32 -12.10
CA VAL C 7 3.68 10.83 -12.42
C VAL C 7 2.66 9.72 -12.20
N SER C 8 1.46 10.12 -11.75
CA SER C 8 0.31 9.23 -11.75
C SER C 8 -0.81 9.91 -12.54
N VAL C 9 -1.62 9.09 -13.23
CA VAL C 9 -2.72 9.59 -14.02
C VAL C 9 -3.96 8.84 -13.59
N ASN C 10 -4.90 9.58 -13.00
CA ASN C 10 -6.13 9.03 -12.46
C ASN C 10 -5.81 7.89 -11.51
N GLY C 11 -4.81 8.08 -10.67
CA GLY C 11 -4.51 7.04 -9.70
C GLY C 11 -3.56 5.98 -10.27
N GLN C 12 -3.28 5.97 -11.57
CA GLN C 12 -2.43 4.94 -12.15
C GLN C 12 -0.98 5.44 -12.25
N ASP C 13 -0.12 4.80 -11.47
CA ASP C 13 1.29 5.13 -11.38
C ASP C 13 1.93 4.78 -12.70
N GLN C 14 2.68 5.72 -13.29
CA GLN C 14 3.28 5.54 -14.60
C GLN C 14 4.64 4.85 -14.50
N GLY C 15 5.21 4.78 -13.29
CA GLY C 15 6.49 4.13 -13.02
C GLY C 15 7.55 5.16 -12.60
N GLN C 16 8.49 4.72 -11.74
CA GLN C 16 9.63 5.56 -11.36
C GLN C 16 10.35 6.12 -12.60
N LEU C 17 10.38 7.45 -12.69
CA LEU C 17 11.12 8.22 -13.70
C LEU C 17 10.63 7.99 -15.12
N LYS C 18 9.47 7.35 -15.28
CA LYS C 18 8.92 7.18 -16.60
C LYS C 18 8.32 8.50 -17.07
N GLY C 19 8.89 9.05 -18.14
CA GLY C 19 8.39 10.25 -18.76
C GLY C 19 8.75 11.50 -17.97
N VAL C 20 9.61 11.39 -16.94
CA VAL C 20 10.00 12.56 -16.16
C VAL C 20 11.49 12.87 -16.34
N ARG C 21 11.79 14.09 -16.82
CA ARG C 21 13.16 14.57 -16.96
C ARG C 21 13.63 15.09 -15.62
N ALA C 22 14.72 14.50 -15.12
CA ALA C 22 15.14 14.80 -13.77
C ALA C 22 16.67 14.91 -13.66
N PRO C 23 17.17 15.82 -12.81
CA PRO C 23 18.58 15.81 -12.42
C PRO C 23 18.74 14.75 -11.35
N SER C 24 19.98 14.39 -10.98
CA SER C 24 20.23 13.80 -9.67
C SER C 24 20.72 14.86 -8.65
N SER C 25 21.18 16.05 -9.13
CA SER C 25 21.40 17.26 -8.35
C SER C 25 20.12 17.81 -7.72
N ASN C 26 20.20 18.35 -6.51
CA ASN C 26 18.97 18.89 -5.93
C ASN C 26 19.07 20.40 -5.67
N SER C 27 20.07 21.09 -6.24
CA SER C 27 20.20 22.51 -5.90
C SER C 27 19.13 23.38 -6.60
N PRO C 28 18.56 24.36 -5.88
CA PRO C 28 17.50 25.18 -6.46
C PRO C 28 18.02 26.11 -7.53
N ILE C 29 17.15 26.57 -8.42
CA ILE C 29 17.36 27.79 -9.17
C ILE C 29 16.99 28.97 -8.27
N GLN C 30 17.83 30.00 -8.20
CA GLN C 30 17.47 31.18 -7.42
C GLN C 30 17.47 32.46 -8.24
N ASN C 31 17.78 32.34 -9.52
CA ASN C 31 17.77 33.50 -10.39
C ASN C 31 16.60 33.33 -11.36
N VAL C 32 15.62 34.24 -11.29
CA VAL C 32 14.41 34.09 -12.10
C VAL C 32 14.73 34.27 -13.59
N ASN C 33 15.88 34.86 -13.94
CA ASN C 33 16.32 34.88 -15.33
C ASN C 33 17.21 33.70 -15.77
N ASP C 34 17.37 32.66 -14.94
CA ASP C 34 18.22 31.53 -15.32
C ASP C 34 17.62 30.85 -16.55
N ALA C 35 18.47 30.51 -17.53
CA ALA C 35 18.06 29.80 -18.75
C ALA C 35 17.42 28.44 -18.43
N ASN C 36 17.77 27.86 -17.28
CA ASN C 36 17.31 26.54 -16.88
C ASN C 36 16.09 26.59 -15.97
N MET C 37 15.44 27.74 -15.91
CA MET C 37 14.23 27.89 -15.17
C MET C 37 13.11 27.00 -15.72
N ALA C 38 13.14 26.67 -17.02
CA ALA C 38 12.06 25.87 -17.61
C ALA C 38 11.97 24.48 -17.00
N CYS C 39 13.03 23.68 -17.12
CA CYS C 39 12.96 22.28 -16.76
C CYS C 39 14.17 21.88 -15.91
N ASN C 40 14.81 22.89 -15.32
CA ASN C 40 15.94 22.67 -14.42
C ASN C 40 17.19 22.36 -15.23
N ALA C 41 18.30 22.21 -14.51
CA ALA C 41 19.64 22.03 -15.04
C ALA C 41 20.17 20.64 -14.71
N ASN C 42 21.17 20.23 -15.51
CA ASN C 42 21.88 18.97 -15.32
C ASN C 42 20.94 17.78 -15.24
N ILE C 43 19.98 17.71 -16.17
CA ILE C 43 19.19 16.54 -16.40
C ILE C 43 20.09 15.30 -16.62
N VAL C 44 19.75 14.24 -15.90
CA VAL C 44 20.46 12.98 -15.97
C VAL C 44 19.53 11.89 -16.49
N TYR C 45 18.27 11.91 -16.04
CA TYR C 45 17.28 10.91 -16.33
C TYR C 45 16.34 11.47 -17.38
N HIS C 46 16.34 10.82 -18.54
CA HIS C 46 15.49 11.23 -19.65
C HIS C 46 15.24 10.02 -20.55
N ASP C 47 14.05 9.44 -20.43
CA ASP C 47 13.67 8.30 -21.22
C ASP C 47 12.74 8.77 -22.33
N ASN C 48 12.25 7.83 -23.16
CA ASN C 48 11.39 8.16 -24.29
C ASN C 48 9.91 7.91 -24.00
N THR C 49 9.56 7.71 -22.73
CA THR C 49 8.16 7.54 -22.38
C THR C 49 7.43 8.86 -22.59
N ILE C 50 6.30 8.80 -23.27
CA ILE C 50 5.34 9.88 -23.32
C ILE C 50 4.08 9.43 -22.61
N ILE C 51 3.75 10.10 -21.53
CA ILE C 51 2.63 9.73 -20.68
C ILE C 51 1.33 10.24 -21.31
N LYS C 52 0.38 9.33 -21.51
CA LYS C 52 -0.94 9.72 -21.99
C LYS C 52 -1.75 10.27 -20.82
N VAL C 53 -2.20 11.53 -20.95
CA VAL C 53 -3.04 12.12 -19.93
C VAL C 53 -4.32 12.61 -20.58
N PRO C 54 -5.47 11.98 -20.28
CA PRO C 54 -6.75 12.51 -20.71
C PRO C 54 -6.95 13.92 -20.13
N ALA C 55 -7.47 14.82 -20.96
CA ALA C 55 -7.89 16.11 -20.44
C ALA C 55 -8.99 15.82 -19.41
N GLY C 56 -8.91 16.48 -18.24
CA GLY C 56 -9.82 16.20 -17.16
C GLY C 56 -9.23 15.25 -16.12
N ALA C 57 -8.10 14.62 -16.41
CA ALA C 57 -7.56 13.62 -15.48
C ALA C 57 -7.09 14.26 -14.19
N ARG C 58 -7.09 13.45 -13.11
CA ARG C 58 -6.39 13.79 -11.87
C ARG C 58 -4.94 13.30 -12.00
N VAL C 59 -4.01 14.26 -11.92
CA VAL C 59 -2.60 14.00 -12.14
C VAL C 59 -1.85 14.15 -10.82
N GLY C 60 -0.98 13.18 -10.55
CA GLY C 60 -0.08 13.24 -9.43
C GLY C 60 1.36 13.44 -9.91
N ALA C 61 2.09 14.31 -9.20
CA ALA C 61 3.51 14.49 -9.38
C ALA C 61 4.22 14.15 -8.07
N TRP C 62 5.12 13.17 -8.10
CA TRP C 62 5.83 12.70 -6.92
C TRP C 62 7.18 13.38 -6.81
N TRP C 63 7.43 13.91 -5.61
CA TRP C 63 8.68 14.54 -5.20
C TRP C 63 9.30 13.75 -4.04
N GLN C 64 10.62 13.62 -4.07
CA GLN C 64 11.37 13.12 -2.93
C GLN C 64 12.66 13.93 -2.82
N HIS C 65 13.23 13.93 -1.63
CA HIS C 65 14.44 14.68 -1.34
C HIS C 65 15.51 14.32 -2.37
N VAL C 66 15.70 13.02 -2.61
CA VAL C 66 16.71 12.53 -3.54
C VAL C 66 16.06 11.59 -4.53
N ILE C 67 16.76 11.28 -5.62
CA ILE C 67 16.27 10.30 -6.57
C ILE C 67 16.11 8.95 -5.88
N GLY C 68 14.92 8.37 -6.00
CA GLY C 68 14.61 7.05 -5.46
C GLY C 68 14.15 7.10 -4.01
N GLY C 69 14.10 8.29 -3.39
CA GLY C 69 13.60 8.45 -2.04
C GLY C 69 14.59 7.87 -1.02
N PRO C 70 14.23 7.86 0.27
CA PRO C 70 15.17 7.40 1.30
C PRO C 70 15.42 5.90 1.35
N GLN C 71 14.63 5.11 0.59
CA GLN C 71 14.68 3.63 0.64
C GLN C 71 14.83 3.06 2.04
N GLY C 72 14.05 3.61 2.97
CA GLY C 72 13.95 3.06 4.30
C GLY C 72 14.72 3.83 5.37
N ALA C 73 15.57 4.79 4.99
CA ALA C 73 16.25 5.64 5.97
C ALA C 73 15.33 6.72 6.56
N ASN C 74 15.64 7.20 7.77
CA ASN C 74 14.96 8.30 8.44
C ASN C 74 15.43 9.65 7.89
N ASP C 75 14.77 10.15 6.87
CA ASP C 75 15.13 11.44 6.37
C ASP C 75 14.07 12.42 6.83
N PRO C 76 14.35 13.30 7.81
CA PRO C 76 13.34 14.27 8.21
C PRO C 76 13.04 15.27 7.11
N ASP C 77 13.87 15.35 6.06
CA ASP C 77 13.66 16.32 5.00
C ASP C 77 13.08 15.66 3.74
N ASN C 78 12.44 14.51 3.92
CA ASN C 78 11.82 13.83 2.81
C ASN C 78 10.32 13.86 3.06
N PRO C 79 9.44 14.22 2.11
CA PRO C 79 9.82 14.50 0.73
C PRO C 79 10.57 15.78 0.49
N ILE C 80 10.37 16.76 1.39
CA ILE C 80 11.10 18.02 1.36
C ILE C 80 11.10 18.59 2.77
N ALA C 81 12.09 19.40 3.10
CA ALA C 81 12.18 19.99 4.44
C ALA C 81 10.90 20.78 4.72
N ALA C 82 10.39 20.62 5.93
CA ALA C 82 9.15 21.28 6.35
C ALA C 82 9.26 22.81 6.30
N SER C 83 10.47 23.35 6.39
CA SER C 83 10.68 24.77 6.36
C SER C 83 10.32 25.34 4.97
N HIS C 84 10.33 24.51 3.93
CA HIS C 84 10.34 24.99 2.55
C HIS C 84 8.92 25.31 2.07
N LYS C 85 8.17 26.08 2.85
CA LYS C 85 6.80 26.44 2.51
C LYS C 85 6.71 27.20 1.19
N GLY C 86 5.67 26.95 0.43
CA GLY C 86 5.41 27.73 -0.77
C GLY C 86 4.35 27.07 -1.64
N PRO C 87 4.08 27.69 -2.80
CA PRO C 87 3.13 27.13 -3.75
C PRO C 87 3.72 26.10 -4.67
N ILE C 88 2.81 25.34 -5.31
CA ILE C 88 3.15 24.41 -6.34
C ILE C 88 2.23 24.68 -7.53
N GLN C 89 2.85 24.73 -8.72
CA GLN C 89 2.16 25.14 -9.92
C GLN C 89 2.58 24.24 -11.07
N VAL C 90 1.70 24.13 -12.06
CA VAL C 90 1.98 23.33 -13.22
C VAL C 90 1.69 24.14 -14.48
N TYR C 91 2.59 24.03 -15.45
CA TYR C 91 2.48 24.66 -16.75
C TYR C 91 2.68 23.61 -17.84
N LEU C 92 2.08 23.89 -19.00
CA LEU C 92 2.30 23.16 -20.23
C LEU C 92 2.96 24.04 -21.29
N ALA C 93 3.74 23.37 -22.15
CA ALA C 93 4.18 23.95 -23.39
C ALA C 93 3.99 22.93 -24.50
N LYS C 94 3.36 23.34 -25.60
CA LYS C 94 3.12 22.47 -26.74
C LYS C 94 4.45 22.18 -27.43
N VAL C 95 4.69 20.92 -27.80
CA VAL C 95 5.89 20.59 -28.55
C VAL C 95 5.56 19.63 -29.68
N ASP C 96 6.49 19.44 -30.62
CA ASP C 96 6.28 18.54 -31.73
C ASP C 96 6.35 17.10 -31.19
N ASN C 97 7.28 16.85 -30.28
CA ASN C 97 7.58 15.51 -29.80
C ASN C 97 8.08 15.60 -28.37
N ALA C 98 7.34 15.05 -27.41
CA ALA C 98 7.63 15.36 -26.01
C ALA C 98 8.86 14.59 -25.52
N ALA C 99 9.24 13.52 -26.25
CA ALA C 99 10.42 12.77 -25.85
C ALA C 99 11.69 13.54 -26.21
N THR C 100 11.68 14.28 -27.33
CA THR C 100 12.90 14.88 -27.86
C THR C 100 12.92 16.41 -27.75
N ALA C 101 11.81 17.05 -27.44
CA ALA C 101 11.73 18.50 -27.45
C ALA C 101 12.72 19.12 -26.45
N SER C 102 13.41 20.15 -26.91
CA SER C 102 14.18 20.99 -26.01
C SER C 102 13.23 21.89 -25.22
N PRO C 103 13.47 22.14 -23.91
CA PRO C 103 12.65 23.10 -23.15
C PRO C 103 12.91 24.58 -23.36
N SER C 104 13.90 24.92 -24.21
CA SER C 104 14.25 26.31 -24.48
C SER C 104 13.29 26.95 -25.48
N GLY C 105 12.84 28.16 -25.14
CA GLY C 105 12.14 29.04 -26.05
C GLY C 105 10.70 28.57 -26.31
N LEU C 106 10.13 27.85 -25.37
CA LEU C 106 8.75 27.44 -25.52
C LEU C 106 7.80 28.48 -24.93
N LYS C 107 6.53 28.35 -25.34
CA LYS C 107 5.43 29.16 -24.88
C LYS C 107 4.68 28.35 -23.84
N TRP C 108 4.71 28.81 -22.59
CA TRP C 108 4.09 28.11 -21.48
C TRP C 108 2.79 28.78 -21.08
N PHE C 109 1.84 27.94 -20.66
CA PHE C 109 0.62 28.42 -20.05
C PHE C 109 0.40 27.59 -18.79
N LYS C 110 -0.16 28.21 -17.78
CA LYS C 110 -0.41 27.57 -16.51
C LYS C 110 -1.73 26.79 -16.55
N VAL C 111 -1.71 25.58 -15.96
CA VAL C 111 -2.93 24.77 -15.90
C VAL C 111 -3.41 24.56 -14.47
N ALA C 112 -2.56 24.76 -13.49
CA ALA C 112 -2.95 24.46 -12.12
C ALA C 112 -2.03 25.24 -11.21
N GLU C 113 -2.55 25.60 -10.05
CA GLU C 113 -1.77 26.31 -9.07
C GLU C 113 -2.36 26.07 -7.70
N ARG C 114 -1.50 26.03 -6.69
CA ARG C 114 -1.95 25.92 -5.32
C ARG C 114 -1.01 26.74 -4.46
N GLY C 115 -1.57 27.61 -3.59
CA GLY C 115 -0.80 28.51 -2.76
C GLY C 115 -0.93 28.21 -1.27
N LEU C 116 -1.56 29.16 -0.58
CA LEU C 116 -1.78 29.13 0.85
C LEU C 116 -3.28 29.17 1.07
N ASN C 117 -3.78 28.24 1.90
CA ASN C 117 -5.19 28.09 2.14
C ASN C 117 -5.38 27.75 3.61
N ASN C 118 -5.93 28.69 4.37
CA ASN C 118 -6.28 28.42 5.76
C ASN C 118 -5.06 27.91 6.54
N GLY C 119 -3.92 28.58 6.36
CA GLY C 119 -2.73 28.26 7.13
C GLY C 119 -1.91 27.13 6.52
N VAL C 120 -2.37 26.50 5.43
CA VAL C 120 -1.71 25.33 4.87
C VAL C 120 -1.17 25.70 3.50
N TRP C 121 0.14 25.54 3.30
CA TRP C 121 0.72 25.70 1.97
C TRP C 121 0.60 24.41 1.14
N ALA C 122 0.70 24.58 -0.17
CA ALA C 122 0.79 23.46 -1.09
C ALA C 122 1.90 22.49 -0.67
N VAL C 123 3.01 23.01 -0.17
CA VAL C 123 4.11 22.14 0.22
C VAL C 123 3.77 21.29 1.46
N ASP C 124 2.98 21.86 2.38
CA ASP C 124 2.42 21.13 3.51
C ASP C 124 1.57 19.95 3.03
N GLU C 125 0.79 20.18 1.98
CA GLU C 125 -0.08 19.18 1.41
C GLU C 125 0.73 18.08 0.77
N LEU C 126 1.82 18.50 0.11
CA LEU C 126 2.72 17.56 -0.51
C LEU C 126 3.37 16.67 0.54
N ILE C 127 3.74 17.26 1.68
CA ILE C 127 4.34 16.49 2.76
C ILE C 127 3.33 15.49 3.31
N ALA C 128 2.09 15.95 3.50
CA ALA C 128 1.03 15.12 4.06
C ALA C 128 0.76 13.96 3.10
N ASN C 129 0.87 14.23 1.78
CA ASN C 129 0.63 13.20 0.78
C ASN C 129 1.90 12.47 0.37
N ASN C 130 2.89 12.42 1.25
CA ASN C 130 4.08 11.60 1.02
C ASN C 130 4.75 11.91 -0.31
N GLY C 131 4.82 13.20 -0.69
CA GLY C 131 5.55 13.62 -1.86
C GLY C 131 4.63 13.78 -3.07
N TRP C 132 3.37 13.35 -2.96
CA TRP C 132 2.46 13.49 -4.09
C TRP C 132 1.78 14.86 -4.08
N HIS C 133 1.93 15.58 -5.20
CA HIS C 133 1.15 16.76 -5.48
C HIS C 133 0.12 16.39 -6.54
N TYR C 134 -1.16 16.63 -6.21
CA TYR C 134 -2.28 16.32 -7.08
C TYR C 134 -2.91 17.60 -7.64
N PHE C 135 -3.31 17.52 -8.91
CA PHE C 135 -4.05 18.57 -9.58
C PHE C 135 -4.84 17.92 -10.72
N ASP C 136 -5.81 18.66 -11.23
CA ASP C 136 -6.64 18.24 -12.34
C ASP C 136 -6.14 18.95 -13.59
N LEU C 137 -5.75 18.18 -14.60
CA LEU C 137 -5.50 18.73 -15.91
C LEU C 137 -6.84 19.18 -16.48
N PRO C 138 -7.06 20.48 -16.78
CA PRO C 138 -8.42 20.92 -17.14
C PRO C 138 -8.94 20.20 -18.38
N SER C 139 -10.25 19.97 -18.37
CA SER C 139 -10.91 19.15 -19.37
C SER C 139 -10.80 19.76 -20.77
N CYS C 140 -10.50 21.05 -20.89
CA CYS C 140 -10.53 21.74 -22.18
C CYS C 140 -9.18 21.79 -22.88
N VAL C 141 -8.10 21.31 -22.26
CA VAL C 141 -6.80 21.34 -22.91
C VAL C 141 -6.81 20.53 -24.22
N ALA C 142 -6.28 21.18 -25.25
CA ALA C 142 -6.27 20.63 -26.59
C ALA C 142 -5.31 19.47 -26.69
N PRO C 143 -5.67 18.41 -27.40
CA PRO C 143 -4.85 17.19 -27.40
C PRO C 143 -3.53 17.43 -28.12
N GLY C 144 -2.50 16.69 -27.72
CA GLY C 144 -1.22 16.81 -28.39
C GLY C 144 -0.10 16.56 -27.39
N GLN C 145 1.12 16.68 -27.88
CA GLN C 145 2.31 16.51 -27.07
C GLN C 145 2.64 17.81 -26.32
N TYR C 146 2.97 17.68 -25.03
CA TYR C 146 3.40 18.82 -24.25
C TYR C 146 4.52 18.43 -23.30
N LEU C 147 5.34 19.42 -22.93
CA LEU C 147 6.08 19.30 -21.69
C LEU C 147 5.23 19.88 -20.58
N MET C 148 5.19 19.12 -19.48
CA MET C 148 4.43 19.46 -18.30
C MET C 148 5.42 19.76 -17.19
N ARG C 149 5.49 21.04 -16.83
CA ARG C 149 6.50 21.54 -15.91
C ARG C 149 5.81 21.68 -14.56
N VAL C 150 6.36 21.00 -13.55
CA VAL C 150 5.84 21.11 -12.18
C VAL C 150 6.87 21.89 -11.37
N GLU C 151 6.41 22.95 -10.70
CA GLU C 151 7.30 23.91 -10.07
C GLU C 151 6.93 24.07 -8.59
N LEU C 152 7.91 23.86 -7.73
CA LEU C 152 7.74 24.07 -6.30
C LEU C 152 8.61 25.26 -5.93
N LEU C 153 7.99 26.27 -5.33
CA LEU C 153 8.69 27.48 -4.93
C LEU C 153 8.74 27.50 -3.41
N ALA C 154 9.95 27.34 -2.85
CA ALA C 154 10.15 27.45 -1.42
C ALA C 154 10.51 28.88 -1.03
N LEU C 155 9.78 29.43 -0.04
CA LEU C 155 9.83 30.82 0.35
C LEU C 155 10.42 31.05 1.74
N HIS C 156 11.07 30.03 2.33
CA HIS C 156 11.61 30.18 3.68
C HIS C 156 12.66 31.27 3.80
N SER C 157 13.35 31.63 2.72
CA SER C 157 14.37 32.69 2.75
C SER C 157 14.04 33.77 1.73
N ALA C 158 12.77 33.85 1.35
CA ALA C 158 12.40 34.71 0.24
C ALA C 158 12.27 36.18 0.69
N SER C 159 12.55 36.50 1.98
CA SER C 159 12.56 37.89 2.39
C SER C 159 13.77 38.64 1.85
N SER C 160 14.79 37.91 1.38
CA SER C 160 15.97 38.49 0.78
C SER C 160 15.86 38.39 -0.73
N PRO C 161 16.30 39.40 -1.48
CA PRO C 161 16.24 39.35 -2.95
C PRO C 161 17.02 38.12 -3.37
N GLY C 162 16.40 37.27 -4.22
CA GLY C 162 17.08 36.11 -4.75
C GLY C 162 17.10 34.94 -3.76
N GLY C 163 16.37 35.09 -2.65
CA GLY C 163 16.37 34.11 -1.57
C GLY C 163 15.37 33.00 -1.83
N ALA C 164 14.39 33.30 -2.68
CA ALA C 164 13.41 32.32 -3.10
C ALA C 164 14.11 31.21 -3.88
N GLN C 165 13.56 29.99 -3.73
CA GLN C 165 14.17 28.82 -4.33
C GLN C 165 13.15 28.11 -5.20
N PHE C 166 13.50 27.95 -6.48
CA PHE C 166 12.60 27.33 -7.42
C PHE C 166 13.08 25.93 -7.73
N TYR C 167 12.18 24.96 -7.63
CA TYR C 167 12.46 23.57 -7.95
C TYR C 167 11.50 23.13 -9.02
N MET C 168 11.99 22.50 -10.09
CA MET C 168 11.08 22.16 -11.16
C MET C 168 11.59 20.97 -11.93
N GLY C 169 10.67 20.34 -12.64
CA GLY C 169 10.99 19.34 -13.64
C GLY C 169 9.85 19.24 -14.64
N CYS C 170 10.16 18.65 -15.78
CA CYS C 170 9.23 18.50 -16.88
C CYS C 170 8.94 17.03 -17.06
N ALA C 171 7.65 16.69 -17.22
CA ALA C 171 7.25 15.40 -17.72
C ALA C 171 6.83 15.55 -19.19
N GLN C 172 6.99 14.43 -19.89
CA GLN C 172 6.68 14.31 -21.30
C GLN C 172 5.29 13.68 -21.40
N ILE C 173 4.31 14.43 -21.93
CA ILE C 173 2.95 13.94 -21.94
C ILE C 173 2.32 14.13 -23.30
N GLU C 174 1.29 13.30 -23.54
CA GLU C 174 0.39 13.45 -24.66
C GLU C 174 -1.01 13.61 -24.07
N VAL C 175 -1.60 14.79 -24.27
CA VAL C 175 -2.95 15.04 -23.81
C VAL C 175 -3.91 14.44 -24.83
N THR C 176 -4.92 13.71 -24.36
CA THR C 176 -5.91 13.09 -25.22
C THR C 176 -7.26 13.72 -24.89
N GLY C 177 -8.24 13.55 -25.77
CA GLY C 177 -9.55 14.11 -25.51
C GLY C 177 -9.97 15.10 -26.59
N SER C 178 -10.99 15.88 -26.23
CA SER C 178 -11.72 16.68 -27.20
C SER C 178 -11.53 18.17 -26.95
N GLY C 179 -10.58 18.52 -26.09
CA GLY C 179 -10.40 19.89 -25.69
C GLY C 179 -9.99 20.76 -26.87
N THR C 180 -10.28 22.07 -26.75
CA THR C 180 -10.00 22.98 -27.84
C THR C 180 -9.21 24.19 -27.37
N ASN C 181 -8.76 24.18 -26.10
CA ASN C 181 -8.03 25.30 -25.51
C ASN C 181 -6.53 25.04 -25.55
N SER C 182 -5.83 25.90 -26.32
CA SER C 182 -4.41 25.81 -26.63
C SER C 182 -3.56 26.64 -25.66
N GLY C 183 -4.26 27.24 -24.70
CA GLY C 183 -3.63 28.14 -23.75
C GLY C 183 -4.02 29.59 -23.96
N SER C 184 -3.74 30.35 -22.90
CA SER C 184 -3.85 31.78 -22.80
C SER C 184 -2.76 32.23 -21.82
N ASP C 185 -2.48 33.54 -21.83
CA ASP C 185 -1.63 34.11 -20.80
C ASP C 185 -0.24 33.50 -20.88
N PHE C 186 0.37 33.52 -22.09
CA PHE C 186 1.57 32.76 -22.36
C PHE C 186 2.83 33.47 -21.84
N VAL C 187 3.75 32.65 -21.31
CA VAL C 187 4.97 33.18 -20.75
C VAL C 187 6.14 32.36 -21.26
N SER C 188 7.31 32.98 -21.14
CA SER C 188 8.60 32.33 -21.29
C SER C 188 9.13 31.86 -19.94
N PHE C 189 9.99 30.84 -19.96
CA PHE C 189 10.83 30.47 -18.83
C PHE C 189 12.25 30.35 -19.36
N PRO C 190 13.16 31.28 -18.98
CA PRO C 190 12.86 32.38 -18.05
C PRO C 190 12.04 33.48 -18.73
N GLY C 191 11.49 34.39 -17.92
CA GLY C 191 10.72 35.54 -18.41
C GLY C 191 9.41 35.72 -17.65
N ALA C 192 8.88 34.66 -17.06
CA ALA C 192 7.60 34.70 -16.39
C ALA C 192 7.64 35.53 -15.10
N TYR C 193 8.80 35.58 -14.42
CA TYR C 193 8.80 36.05 -13.05
C TYR C 193 9.73 37.25 -12.88
N SER C 194 9.30 38.20 -12.05
N SER C 194 9.27 38.22 -12.07
CA SER C 194 10.15 39.27 -11.58
CA SER C 194 10.10 39.30 -11.54
C SER C 194 10.61 38.95 -10.17
C SER C 194 10.62 38.90 -10.15
N ALA C 195 11.86 39.31 -9.86
CA ALA C 195 12.49 39.01 -8.59
C ALA C 195 11.86 39.83 -7.45
N ASN C 196 11.06 40.87 -7.74
CA ASN C 196 10.38 41.60 -6.67
C ASN C 196 8.86 41.37 -6.73
N ASP C 197 8.43 40.36 -7.46
CA ASP C 197 7.05 39.92 -7.38
C ASP C 197 6.69 39.73 -5.90
N PRO C 198 5.50 40.18 -5.44
CA PRO C 198 5.14 39.98 -4.03
C PRO C 198 4.85 38.54 -3.63
N GLY C 199 4.82 37.59 -4.60
CA GLY C 199 4.76 36.17 -4.30
C GLY C 199 6.15 35.51 -4.26
N ILE C 200 7.21 36.32 -4.47
CA ILE C 200 8.57 35.82 -4.57
C ILE C 200 9.50 36.51 -3.58
N LEU C 201 9.29 37.81 -3.40
CA LEU C 201 10.01 38.61 -2.44
C LEU C 201 9.03 39.00 -1.34
N LEU C 202 9.06 38.26 -0.22
CA LEU C 202 8.12 38.47 0.86
C LEU C 202 8.64 37.72 2.08
N SER C 203 8.09 38.12 3.22
CA SER C 203 8.31 37.40 4.47
C SER C 203 7.04 36.60 4.74
N ILE C 204 7.18 35.28 4.81
CA ILE C 204 6.04 34.43 5.11
C ILE C 204 5.86 34.25 6.60
N TYR C 205 6.53 35.03 7.45
CA TYR C 205 6.54 34.74 8.88
C TYR C 205 5.66 35.73 9.63
N ASP C 206 4.92 35.25 10.63
CA ASP C 206 4.26 36.15 11.56
C ASP C 206 5.27 36.56 12.64
N SER C 207 4.79 37.25 13.68
CA SER C 207 5.72 37.78 14.66
C SER C 207 6.20 36.69 15.60
N SER C 208 5.59 35.52 15.65
CA SER C 208 6.13 34.39 16.41
C SER C 208 7.16 33.61 15.60
N GLY C 209 7.32 33.93 14.31
CA GLY C 209 8.19 33.15 13.45
C GLY C 209 7.48 31.99 12.77
N LYS C 210 6.15 31.94 12.87
CA LYS C 210 5.38 30.88 12.25
C LYS C 210 5.23 31.22 10.78
N PRO C 211 5.52 30.27 9.87
CA PRO C 211 5.44 30.51 8.42
C PRO C 211 4.05 30.44 7.82
N ASN C 212 3.13 31.24 8.33
CA ASN C 212 1.73 31.22 7.94
C ASN C 212 1.34 32.50 7.21
N ASN C 213 2.35 33.30 6.83
CA ASN C 213 2.16 34.51 6.04
C ASN C 213 1.35 35.55 6.81
N GLY C 214 1.30 35.37 8.13
CA GLY C 214 0.66 36.32 9.02
C GLY C 214 -0.85 36.34 8.82
N GLY C 215 -1.45 35.32 8.20
CA GLY C 215 -2.87 35.40 7.88
C GLY C 215 -3.17 36.25 6.63
N ARG C 216 -2.14 36.80 5.96
CA ARG C 216 -2.30 37.55 4.73
C ARG C 216 -2.42 36.55 3.58
N SER C 217 -3.25 36.90 2.58
CA SER C 217 -3.42 35.99 1.46
C SER C 217 -2.17 36.08 0.58
N TYR C 218 -1.87 34.97 -0.11
CA TYR C 218 -0.58 34.80 -0.75
C TYR C 218 -0.84 34.94 -2.23
N PRO C 219 -0.30 35.95 -2.93
CA PRO C 219 -0.46 36.08 -4.38
C PRO C 219 0.45 35.12 -5.12
N ILE C 220 -0.14 34.07 -5.69
CA ILE C 220 0.63 33.07 -6.40
C ILE C 220 1.17 33.70 -7.67
N PRO C 221 2.49 33.63 -7.88
CA PRO C 221 3.12 34.30 -9.02
C PRO C 221 2.90 33.57 -10.33
N GLY C 222 3.06 34.35 -11.41
CA GLY C 222 2.91 33.82 -12.75
C GLY C 222 1.55 34.15 -13.32
N PRO C 223 1.29 33.69 -14.56
CA PRO C 223 0.07 34.05 -15.28
C PRO C 223 -1.11 33.30 -14.69
N ARG C 224 -2.29 33.68 -15.21
CA ARG C 224 -3.49 33.03 -14.80
C ARG C 224 -3.51 31.61 -15.31
N PRO C 225 -4.05 30.67 -14.51
CA PRO C 225 -4.33 29.33 -15.01
C PRO C 225 -5.46 29.48 -16.03
N ILE C 226 -5.48 28.59 -17.00
CA ILE C 226 -6.51 28.60 -18.00
C ILE C 226 -7.82 28.18 -17.36
N SER C 227 -8.90 28.56 -18.03
CA SER C 227 -10.28 28.32 -17.63
C SER C 227 -11.01 27.41 -18.66
N CYS C 228 -12.17 26.82 -18.31
CA CYS C 228 -13.02 26.08 -19.25
C CYS C 228 -14.52 26.40 -19.00
C1 PEG D . 11.80 -37.98 4.44
O1 PEG D . 12.28 -38.88 5.46
C2 PEG D . 11.77 -38.58 3.08
O2 PEG D . 10.51 -39.23 2.90
C3 PEG D . 10.36 -39.92 1.67
C4 PEG D . 9.86 -41.30 1.93
O4 PEG D . 10.20 -42.21 0.87
O1 PG4 E . 8.41 -17.55 12.29
C1 PG4 E . 7.49 -18.70 12.17
C2 PG4 E . 7.77 -19.66 11.02
O2 PG4 E . 7.10 -19.22 9.83
C3 PG4 E . 7.55 -19.88 8.61
C4 PG4 E . 6.84 -21.19 8.43
O3 PG4 E . 7.64 -22.13 7.74
C5 PG4 E . 7.15 -23.49 7.75
C6 PG4 E . 5.77 -23.64 8.40
O4 PG4 E . 4.86 -24.36 7.56
C7 PG4 E . 3.54 -23.82 7.54
C8 PG4 E . 2.63 -24.54 6.53
O5 PG4 E . 2.84 -24.17 5.12
C1 EDO F . 8.27 -24.80 -22.57
O1 EDO F . 9.41 -25.13 -21.83
C2 EDO F . 8.50 -23.98 -23.80
O2 EDO F . 8.44 -22.60 -23.51
C FMT G . 5.56 -11.82 -20.01
O1 FMT G . 4.54 -12.28 -19.53
O2 FMT G . 6.17 -10.74 -19.53
CU CU H . 14.46 -9.84 -10.73
CU CU I . -16.72 -12.39 24.41
CU CU J . 16.22 22.98 0.20
#